data_9KRU
#
_entry.id   9KRU
#
_cell.length_a   1.00
_cell.length_b   1.00
_cell.length_c   1.00
_cell.angle_alpha   90.00
_cell.angle_beta   90.00
_cell.angle_gamma   90.00
#
_symmetry.space_group_name_H-M   'P 1'
#
loop_
_entity.id
_entity.type
_entity.pdbx_description
1 polymer 'NADP-dependent malic enzyme'
2 non-polymer 'NADP NICOTINAMIDE-ADENINE-DINUCLEOTIDE PHOSPHATE'
#
_entity_poly.entity_id   1
_entity_poly.type   'polypeptide(L)'
_entity_poly.pdbx_seq_one_letter_code
;METKTETKTGTTNFDQEALLYHQQGKPGKIEVISSKPCATEKDLSLAYSPGVAAPCKAIAKDPAKVYDYTAKGNLVAVIS
NGTAVLGLGNIGPAAGKPVMEGKGILFKQFAGIDVFDIEVAATDVDTFCNAVRVLEPTFGGINLEDIKAPECFEIEERLK
KEMNIPVFHDDQHGTAIVSGAALLNACSITNRKMEDMRIVVNGAGASANSCAKIFIALGARRENIIMCDSQGVIYKGRTA
GMNKYKEYFASETEARTLTEALRGADVFVGLSVAGALTPEMLKDMAKDPIIFAMANPEPEITPDKARAARPDAIIATGRS
DYPNQVNNVLGFPSIFRGALDTRSTQINEEMKLAAVHALAKLARMDVPDKVSATYGGKSFKFGRDYLIPKPFDTRVLLWV
APEVAKAAMKSGVATRAIEDWDQYRESLEAQQGPSKVFIRSAINRVHQNSEANGGELPRIVFPEGTSTKVLKALATLVEE
RICQPILLGYPERVKEKIKALDIPLLNDVQIVHPSSHPKYFSFVEKLYSLRQRKGINLGEAERLMADPNYFAAMMVNMGE
ADGMVSGSSINYADAVRPILQTIGTYKEGIPAGLNFVLLEDKFLVLADTTVNFNPSAEQCAQIALQAAKIVEYFGIEPRV
AMLSYSNFSGAEGTPRKMKKAAEIARTLRPDLMIEGDMQADTAVNPEIMERLFPFSGLKGGANVLVFPNLESSNIAYKLI
QQIGKAEVIGPFLTGVRRSANVLQRTTTVDGIVNSVVFTALEAQFIKDALKARGKK
;
_entity_poly.pdbx_strand_id   A
#
loop_
_chem_comp.id
_chem_comp.type
_chem_comp.name
_chem_comp.formula
NAP non-polymer 'NADP NICOTINAMIDE-ADENINE-DINUCLEOTIDE PHOSPHATE' 'C21 H28 N7 O17 P3'
#
# COMPACT_ATOMS: atom_id res chain seq x y z
N THR A 12 16.17 -13.64 27.83
CA THR A 12 15.21 -14.49 27.14
C THR A 12 15.74 -14.94 25.79
N ASN A 13 14.91 -15.66 25.04
CA ASN A 13 15.30 -16.13 23.71
C ASN A 13 15.18 -15.04 22.65
N PHE A 14 14.54 -13.92 22.96
CA PHE A 14 14.39 -12.85 21.98
C PHE A 14 15.74 -12.26 21.59
N ASP A 15 16.62 -12.03 22.58
CA ASP A 15 17.94 -11.49 22.29
C ASP A 15 18.77 -12.49 21.49
N GLN A 16 18.68 -13.79 21.82
CA GLN A 16 19.39 -14.80 21.05
C GLN A 16 18.84 -14.90 19.63
N GLU A 17 17.51 -14.81 19.48
CA GLU A 17 16.91 -14.83 18.15
C GLU A 17 17.35 -13.62 17.34
N ALA A 18 17.49 -12.46 18.00
CA ALA A 18 17.98 -11.28 17.31
C ALA A 18 19.40 -11.47 16.81
N LEU A 19 20.25 -12.10 17.63
CA LEU A 19 21.61 -12.37 17.20
C LEU A 19 21.64 -13.32 16.01
N LEU A 20 20.79 -14.35 16.03
CA LEU A 20 20.70 -15.26 14.89
C LEU A 20 20.17 -14.54 13.65
N TYR A 21 19.24 -13.60 13.83
CA TYR A 21 18.71 -12.84 12.70
C TYR A 21 19.78 -11.99 12.04
N HIS A 22 20.79 -11.55 12.80
CA HIS A 22 21.86 -10.73 12.27
C HIS A 22 23.06 -11.55 11.81
N GLN A 23 23.01 -12.87 11.92
CA GLN A 23 24.14 -13.73 11.58
C GLN A 23 23.82 -14.82 10.56
N GLN A 24 22.56 -15.23 10.42
CA GLN A 24 22.23 -16.30 9.49
C GLN A 24 22.54 -15.89 8.06
N GLY A 25 23.14 -16.82 7.31
CA GLY A 25 23.48 -16.54 5.93
C GLY A 25 24.48 -15.40 5.84
N LYS A 26 24.13 -14.38 5.07
CA LYS A 26 24.98 -13.21 4.94
C LYS A 26 24.92 -12.39 6.21
N PRO A 27 26.05 -12.06 6.84
CA PRO A 27 26.02 -11.22 8.04
C PRO A 27 25.52 -9.82 7.71
N GLY A 28 24.82 -9.22 8.66
CA GLY A 28 24.25 -7.91 8.47
C GLY A 28 22.79 -7.96 8.08
N LYS A 29 22.31 -6.82 7.56
CA LYS A 29 20.92 -6.70 7.18
C LYS A 29 20.70 -5.96 5.87
N ILE A 30 21.76 -5.53 5.17
CA ILE A 30 21.63 -4.77 3.94
C ILE A 30 22.49 -5.39 2.86
N GLU A 31 22.17 -5.06 1.61
CA GLU A 31 22.92 -5.53 0.46
C GLU A 31 22.77 -4.52 -0.66
N VAL A 32 23.85 -4.29 -1.41
CA VAL A 32 23.87 -3.34 -2.52
C VAL A 32 23.83 -4.14 -3.81
N ILE A 33 22.83 -3.87 -4.65
CA ILE A 33 22.63 -4.59 -5.90
C ILE A 33 22.45 -3.58 -7.02
N SER A 34 22.60 -4.08 -8.25
CA SER A 34 22.46 -3.25 -9.44
C SER A 34 21.01 -3.24 -9.89
N SER A 35 20.51 -2.05 -10.23
CA SER A 35 19.15 -1.88 -10.72
C SER A 35 19.06 -1.91 -12.24
N LYS A 36 20.17 -2.12 -12.93
CA LYS A 36 20.23 -2.15 -14.38
C LYS A 36 20.93 -3.42 -14.83
N PRO A 37 20.67 -3.90 -16.04
CA PRO A 37 21.35 -5.10 -16.54
C PRO A 37 22.86 -4.91 -16.57
N CYS A 38 23.58 -5.88 -16.00
CA CYS A 38 25.03 -5.79 -15.89
C CYS A 38 25.69 -7.15 -16.14
N ALA A 39 25.10 -7.98 -17.00
CA ALA A 39 25.63 -9.31 -17.26
C ALA A 39 26.42 -9.38 -18.56
N THR A 40 25.83 -8.95 -19.68
CA THR A 40 26.51 -9.00 -20.97
C THR A 40 27.67 -8.00 -21.00
N GLU A 41 28.67 -8.30 -21.83
CA GLU A 41 29.77 -7.38 -22.03
C GLU A 41 29.26 -6.01 -22.48
N LYS A 42 28.22 -5.99 -23.31
CA LYS A 42 27.60 -4.73 -23.71
C LYS A 42 27.02 -4.00 -22.49
N ASP A 43 26.46 -4.75 -21.54
CA ASP A 43 25.93 -4.14 -20.33
C ASP A 43 27.03 -3.49 -19.50
N LEU A 44 28.18 -4.17 -19.36
CA LEU A 44 29.28 -3.59 -18.60
C LEU A 44 29.89 -2.39 -19.32
N SER A 45 29.89 -2.41 -20.66
CA SER A 45 30.41 -1.27 -21.41
C SER A 45 29.49 -0.06 -21.27
N LEU A 46 28.20 -0.28 -21.07
CA LEU A 46 27.28 0.83 -20.85
C LEU A 46 27.43 1.39 -19.43
N ALA A 47 27.56 0.51 -18.43
CA ALA A 47 27.65 0.95 -17.04
C ALA A 47 29.03 1.53 -16.70
N TYR A 48 30.07 1.02 -17.33
CA TYR A 48 31.45 1.45 -17.09
C TYR A 48 32.03 2.04 -18.38
N SER A 49 33.34 2.26 -18.37
CA SER A 49 34.00 2.83 -19.53
CA SER A 49 34.00 2.83 -19.53
C SER A 49 33.82 1.93 -20.75
N PRO A 50 33.63 2.50 -21.94
CA PRO A 50 33.60 3.93 -22.26
C PRO A 50 32.21 4.54 -22.16
N GLY A 51 31.19 3.75 -21.79
CA GLY A 51 29.84 4.28 -21.73
C GLY A 51 29.56 5.14 -20.51
N VAL A 52 30.34 4.96 -19.44
CA VAL A 52 30.12 5.73 -18.22
C VAL A 52 30.52 7.19 -18.37
N ALA A 53 31.34 7.50 -19.38
CA ALA A 53 31.79 8.88 -19.57
C ALA A 53 30.66 9.79 -20.03
N ALA A 54 29.71 9.29 -20.82
CA ALA A 54 28.63 10.14 -21.32
C ALA A 54 27.77 10.73 -20.21
N PRO A 55 27.28 9.96 -19.23
CA PRO A 55 26.53 10.61 -18.13
C PRO A 55 27.38 11.59 -17.35
N CYS A 56 28.67 11.31 -17.18
CA CYS A 56 29.53 12.23 -16.43
C CYS A 56 29.68 13.56 -17.15
N LYS A 57 29.75 13.54 -18.48
CA LYS A 57 29.87 14.77 -19.25
C LYS A 57 28.65 15.66 -19.05
N ALA A 58 27.45 15.07 -19.03
CA ALA A 58 26.23 15.85 -18.87
C ALA A 58 26.19 16.55 -17.52
N ILE A 59 26.62 15.85 -16.46
CA ILE A 59 26.59 16.44 -15.13
C ILE A 59 27.56 17.62 -15.04
N ALA A 60 28.71 17.53 -15.73
CA ALA A 60 29.65 18.64 -15.73
C ALA A 60 29.05 19.89 -16.35
N LYS A 61 28.38 19.75 -17.49
CA LYS A 61 27.74 20.90 -18.12
C LYS A 61 26.55 21.39 -17.31
N ASP A 62 25.67 20.49 -16.90
CA ASP A 62 24.51 20.82 -16.08
CA ASP A 62 24.51 20.82 -16.08
C ASP A 62 24.58 20.07 -14.77
N PRO A 63 24.92 20.72 -13.65
CA PRO A 63 24.99 19.99 -12.37
C PRO A 63 23.66 19.41 -11.93
N ALA A 64 22.54 19.95 -12.43
CA ALA A 64 21.24 19.44 -12.03
C ALA A 64 20.95 18.05 -12.55
N LYS A 65 21.73 17.56 -13.52
CA LYS A 65 21.52 16.22 -14.07
C LYS A 65 21.99 15.12 -13.12
N VAL A 66 22.68 15.47 -12.02
CA VAL A 66 23.09 14.46 -11.05
C VAL A 66 21.88 13.78 -10.41
N TYR A 67 20.74 14.45 -10.38
CA TYR A 67 19.50 13.88 -9.87
C TYR A 67 18.80 12.99 -10.90
N ASP A 68 19.28 12.97 -12.15
CA ASP A 68 18.63 12.23 -13.22
C ASP A 68 19.44 11.04 -13.71
N TYR A 69 20.76 11.08 -13.61
CA TYR A 69 21.61 10.00 -14.09
C TYR A 69 22.18 9.13 -12.98
N THR A 70 22.13 9.57 -11.74
CA THR A 70 22.61 8.81 -10.59
C THR A 70 21.46 8.54 -9.63
N ALA A 71 21.77 7.85 -8.54
CA ALA A 71 20.81 7.55 -7.50
C ALA A 71 20.77 8.60 -6.40
N LYS A 72 21.19 9.83 -6.71
CA LYS A 72 21.18 10.89 -5.70
C LYS A 72 19.77 11.26 -5.27
N GLY A 73 18.80 11.16 -6.18
CA GLY A 73 17.44 11.52 -5.85
C GLY A 73 16.70 10.52 -4.99
N ASN A 74 17.30 9.35 -4.75
CA ASN A 74 16.69 8.33 -3.89
C ASN A 74 17.63 7.86 -2.79
N LEU A 75 18.68 8.60 -2.50
CA LEU A 75 19.69 8.19 -1.52
C LEU A 75 19.63 9.12 -0.31
N VAL A 76 19.49 8.53 0.87
CA VAL A 76 19.47 9.26 2.13
C VAL A 76 20.48 8.61 3.06
N ALA A 77 21.34 9.42 3.67
CA ALA A 77 22.39 8.94 4.55
C ALA A 77 21.90 9.00 5.99
N VAL A 78 22.00 7.88 6.69
CA VAL A 78 21.72 7.82 8.13
C VAL A 78 23.08 7.87 8.83
N ILE A 79 23.47 9.07 9.27
CA ILE A 79 24.79 9.32 9.83
C ILE A 79 24.68 9.42 11.34
N SER A 80 25.59 8.76 12.04
CA SER A 80 25.59 8.75 13.50
C SER A 80 27.02 8.67 14.01
N ASN A 81 27.19 9.11 15.25
CA ASN A 81 28.45 8.97 15.96
C ASN A 81 28.34 8.03 17.16
N GLY A 82 27.19 7.41 17.37
CA GLY A 82 27.04 6.33 18.34
C GLY A 82 27.05 6.73 19.79
N THR A 83 26.75 7.99 20.11
CA THR A 83 26.74 8.44 21.50
C THR A 83 25.35 8.43 22.13
N ALA A 84 24.29 8.19 21.36
CA ALA A 84 22.94 8.12 21.91
C ALA A 84 22.17 6.95 21.31
N VAL A 85 22.82 5.79 21.24
CA VAL A 85 22.20 4.62 20.61
C VAL A 85 21.14 4.07 21.55
N LEU A 86 19.87 4.37 21.25
CA LEU A 86 18.73 3.89 22.02
C LEU A 86 18.90 4.19 23.50
N GLY A 87 18.49 3.25 24.36
CA GLY A 87 18.72 3.39 25.78
C GLY A 87 20.09 2.98 26.26
N LEU A 88 20.90 2.38 25.38
CA LEU A 88 22.25 1.98 25.76
C LEU A 88 23.12 3.19 26.07
N GLY A 89 22.99 4.26 25.28
CA GLY A 89 23.75 5.47 25.52
C GLY A 89 24.93 5.64 24.58
N ASN A 90 26.08 5.99 25.15
CA ASN A 90 27.30 6.20 24.36
C ASN A 90 28.07 4.89 24.31
N ILE A 91 27.85 4.12 23.25
CA ILE A 91 28.50 2.84 23.05
C ILE A 91 29.48 2.88 21.88
N GLY A 92 29.68 4.03 21.26
CA GLY A 92 30.58 4.16 20.15
C GLY A 92 29.87 3.99 18.82
N PRO A 93 30.52 4.44 17.74
CA PRO A 93 29.86 4.36 16.42
C PRO A 93 29.74 2.94 15.89
N ALA A 94 30.77 2.11 16.09
CA ALA A 94 30.73 0.74 15.58
C ALA A 94 29.64 -0.09 16.24
N ALA A 95 29.44 0.09 17.55
CA ALA A 95 28.42 -0.69 18.26
C ALA A 95 27.01 -0.31 17.85
N GLY A 96 26.82 0.88 17.27
CA GLY A 96 25.53 1.32 16.79
C GLY A 96 25.24 0.96 15.35
N LYS A 97 26.10 0.16 14.72
CA LYS A 97 25.89 -0.21 13.31
C LYS A 97 24.58 -0.96 13.08
N PRO A 98 24.21 -1.96 13.89
CA PRO A 98 22.91 -2.63 13.64
C PRO A 98 21.72 -1.71 13.70
N VAL A 99 21.76 -0.67 14.53
CA VAL A 99 20.67 0.31 14.57
C VAL A 99 20.60 1.06 13.24
N MET A 100 21.76 1.44 12.70
CA MET A 100 21.78 2.14 11.41
C MET A 100 21.24 1.26 10.30
N GLU A 101 21.62 -0.03 10.29
CA GLU A 101 21.13 -0.94 9.26
C GLU A 101 19.62 -1.13 9.37
N GLY A 102 19.11 -1.23 10.60
CA GLY A 102 17.67 -1.35 10.78
C GLY A 102 16.93 -0.10 10.36
N LYS A 103 17.52 1.07 10.61
CA LYS A 103 16.91 2.32 10.18
C LYS A 103 16.81 2.39 8.66
N GLY A 104 17.85 1.95 7.95
CA GLY A 104 17.79 1.94 6.50
C GLY A 104 16.76 0.98 5.97
N ILE A 105 16.53 -0.13 6.68
CA ILE A 105 15.51 -1.09 6.27
C ILE A 105 14.12 -0.45 6.36
N LEU A 106 13.86 0.30 7.43
CA LEU A 106 12.59 0.99 7.57
C LEU A 106 12.41 2.03 6.48
N PHE A 107 13.49 2.69 6.08
CA PHE A 107 13.43 3.67 5.00
C PHE A 107 12.96 3.04 3.70
N LYS A 108 13.50 1.85 3.39
CA LYS A 108 13.15 1.17 2.15
C LYS A 108 11.76 0.55 2.21
N GLN A 109 11.41 -0.05 3.34
CA GLN A 109 10.16 -0.79 3.45
C GLN A 109 8.94 0.11 3.51
N PHE A 110 9.11 1.39 3.86
CA PHE A 110 7.99 2.30 4.01
C PHE A 110 8.03 3.51 3.10
N ALA A 111 9.17 3.78 2.45
CA ALA A 111 9.24 4.88 1.50
C ALA A 111 9.98 4.53 0.22
N GLY A 112 10.53 3.32 0.11
CA GLY A 112 11.28 2.96 -1.09
C GLY A 112 12.50 3.81 -1.32
N ILE A 113 13.25 4.11 -0.26
CA ILE A 113 14.41 4.99 -0.32
C ILE A 113 15.66 4.18 -0.02
N ASP A 114 16.63 4.23 -0.92
CA ASP A 114 17.94 3.63 -0.67
C ASP A 114 18.68 4.44 0.38
N VAL A 115 19.35 3.75 1.30
CA VAL A 115 20.01 4.39 2.43
C VAL A 115 21.43 3.86 2.55
N PHE A 116 22.39 4.77 2.64
CA PHE A 116 23.77 4.44 2.98
C PHE A 116 23.99 4.82 4.44
N ASP A 117 24.04 3.83 5.32
CA ASP A 117 24.23 4.06 6.74
C ASP A 117 25.69 4.37 7.01
N ILE A 118 25.95 5.41 7.78
CA ILE A 118 27.29 5.90 8.05
C ILE A 118 27.48 6.05 9.54
N GLU A 119 28.58 5.52 10.06
CA GLU A 119 28.99 5.71 11.45
C GLU A 119 30.29 6.51 11.46
N VAL A 120 30.27 7.66 12.13
CA VAL A 120 31.41 8.57 12.17
C VAL A 120 32.04 8.49 13.54
N ALA A 121 33.34 8.16 13.58
CA ALA A 121 34.07 8.05 14.84
C ALA A 121 34.64 9.40 15.25
N ALA A 122 33.72 10.34 15.50
CA ALA A 122 34.10 11.69 15.90
C ALA A 122 32.99 12.24 16.80
N THR A 123 33.21 12.17 18.12
CA THR A 123 32.26 12.73 19.05
C THR A 123 32.34 14.25 19.14
N ASP A 124 33.43 14.84 18.67
CA ASP A 124 33.54 16.29 18.65
C ASP A 124 32.57 16.90 17.65
N VAL A 125 31.92 17.98 18.06
CA VAL A 125 30.93 18.61 17.20
C VAL A 125 31.58 19.20 15.95
N ASP A 126 32.71 19.89 16.13
CA ASP A 126 33.38 20.52 15.00
C ASP A 126 33.90 19.49 14.00
N THR A 127 34.47 18.40 14.50
CA THR A 127 34.99 17.36 13.62
C THR A 127 33.87 16.64 12.89
N PHE A 128 32.76 16.37 13.60
CA PHE A 128 31.64 15.67 12.99
C PHE A 128 31.03 16.49 11.85
N CYS A 129 30.86 17.79 12.05
CA CYS A 129 30.21 18.62 11.04
C CYS A 129 31.05 18.71 9.77
N ASN A 130 32.37 18.83 9.91
CA ASN A 130 33.23 18.90 8.73
C ASN A 130 33.21 17.61 7.94
N ALA A 131 33.18 16.46 8.62
CA ALA A 131 33.15 15.18 7.92
C ALA A 131 31.85 15.03 7.13
N VAL A 132 30.72 15.39 7.73
CA VAL A 132 29.43 15.27 7.05
C VAL A 132 29.33 16.28 5.91
N ARG A 133 29.87 17.49 6.11
CA ARG A 133 29.71 18.57 5.15
C ARG A 133 30.31 18.21 3.80
N VAL A 134 31.41 17.47 3.79
CA VAL A 134 32.13 17.16 2.54
C VAL A 134 31.42 16.03 1.80
N LEU A 135 30.37 15.47 2.40
CA LEU A 135 29.59 14.40 1.78
C LEU A 135 28.40 14.92 1.00
N GLU A 136 28.48 16.17 0.54
CA GLU A 136 27.36 16.77 -0.22
C GLU A 136 27.05 16.05 -1.52
N PRO A 137 28.00 15.80 -2.43
CA PRO A 137 27.62 15.30 -3.76
C PRO A 137 27.17 13.85 -3.78
N THR A 138 27.11 13.17 -2.64
CA THR A 138 26.73 11.75 -2.62
C THR A 138 25.25 11.54 -2.37
N PHE A 139 24.72 12.13 -1.30
CA PHE A 139 23.37 11.85 -0.85
C PHE A 139 22.43 13.01 -1.16
N GLY A 140 21.16 12.67 -1.39
CA GLY A 140 20.12 13.67 -1.54
C GLY A 140 19.52 14.15 -0.24
N GLY A 141 19.89 13.53 0.87
CA GLY A 141 19.40 13.95 2.17
C GLY A 141 20.18 13.26 3.27
N ILE A 142 20.21 13.90 4.43
CA ILE A 142 20.96 13.42 5.58
C ILE A 142 20.00 13.21 6.74
N ASN A 143 20.08 12.04 7.37
CA ASN A 143 19.24 11.69 8.51
C ASN A 143 20.13 11.46 9.72
N LEU A 144 20.30 12.50 10.54
CA LEU A 144 21.05 12.36 11.79
C LEU A 144 20.26 11.48 12.76
N GLU A 145 20.97 10.62 13.48
CA GLU A 145 20.32 9.65 14.34
C GLU A 145 21.26 9.30 15.49
N ASP A 146 20.69 9.15 16.69
CA ASP A 146 21.42 8.71 17.88
C ASP A 146 22.64 9.59 18.15
N ILE A 147 22.37 10.87 18.34
CA ILE A 147 23.39 11.85 18.72
C ILE A 147 22.99 12.44 20.06
N LYS A 148 23.90 12.36 21.04
CA LYS A 148 23.57 12.77 22.40
C LYS A 148 23.56 14.29 22.52
N ALA A 149 22.74 14.77 23.46
CA ALA A 149 22.63 16.19 23.75
C ALA A 149 23.79 16.65 24.64
N PRO A 150 24.19 17.93 24.55
CA PRO A 150 23.67 18.98 23.66
C PRO A 150 24.39 19.00 22.32
N GLU A 151 25.21 17.99 22.04
CA GLU A 151 25.96 17.96 20.80
C GLU A 151 25.05 17.83 19.58
N CYS A 152 23.88 17.19 19.75
CA CYS A 152 22.98 17.00 18.62
C CYS A 152 22.45 18.33 18.09
N PHE A 153 22.10 19.25 19.00
CA PHE A 153 21.54 20.52 18.58
C PHE A 153 22.55 21.34 17.77
N GLU A 154 23.79 21.43 18.25
CA GLU A 154 24.78 22.25 17.56
C GLU A 154 25.16 21.63 16.22
N ILE A 155 25.28 20.30 16.16
CA ILE A 155 25.59 19.63 14.91
C ILE A 155 24.48 19.85 13.89
N GLU A 156 23.23 19.70 14.34
CA GLU A 156 22.09 19.78 13.42
C GLU A 156 21.93 21.19 12.86
N GLU A 157 22.20 22.21 13.68
CA GLU A 157 22.01 23.58 13.23
C GLU A 157 23.04 23.97 12.17
N ARG A 158 24.32 23.69 12.43
CA ARG A 158 25.35 24.07 11.45
C ARG A 158 25.22 23.28 10.16
N LEU A 159 24.87 21.99 10.26
CA LEU A 159 24.70 21.18 9.07
C LEU A 159 23.56 21.71 8.20
N LYS A 160 22.49 22.19 8.83
CA LYS A 160 21.39 22.77 8.06
C LYS A 160 21.84 24.01 7.31
N LYS A 161 22.64 24.87 7.95
CA LYS A 161 23.05 26.11 7.31
C LYS A 161 24.07 25.87 6.21
N GLU A 162 25.01 24.96 6.42
CA GLU A 162 26.08 24.71 5.44
C GLU A 162 25.66 23.77 4.33
N MET A 163 25.11 22.61 4.69
CA MET A 163 24.73 21.62 3.69
C MET A 163 23.55 22.13 2.87
N ASN A 164 23.60 21.91 1.56
CA ASN A 164 22.55 22.35 0.65
C ASN A 164 21.58 21.21 0.32
N ILE A 165 21.49 20.21 1.19
CA ILE A 165 20.55 19.10 1.01
C ILE A 165 19.76 18.94 2.31
N PRO A 166 18.58 18.35 2.25
CA PRO A 166 17.77 18.18 3.46
C PRO A 166 18.52 17.49 4.58
N VAL A 167 18.47 18.08 5.76
CA VAL A 167 19.09 17.52 6.97
C VAL A 167 17.99 17.38 8.01
N PHE A 168 17.84 16.18 8.56
CA PHE A 168 16.76 15.88 9.49
C PHE A 168 17.29 14.99 10.61
N HIS A 169 17.15 15.45 11.85
CA HIS A 169 17.48 14.65 13.02
C HIS A 169 16.20 13.97 13.51
N ASP A 170 16.10 12.66 13.30
CA ASP A 170 14.86 11.95 13.63
C ASP A 170 14.57 12.01 15.11
N ASP A 171 15.59 11.85 15.95
CA ASP A 171 15.40 11.91 17.39
C ASP A 171 14.95 13.30 17.84
N GLN A 172 15.23 14.33 17.05
CA GLN A 172 14.82 15.69 17.41
C GLN A 172 13.36 15.95 17.03
N HIS A 173 13.05 15.90 15.73
CA HIS A 173 11.75 16.30 15.23
C HIS A 173 10.81 15.15 14.91
N GLY A 174 11.32 13.93 14.78
CA GLY A 174 10.47 12.82 14.39
C GLY A 174 9.38 12.53 15.40
N THR A 175 9.74 12.53 16.69
CA THR A 175 8.76 12.25 17.73
C THR A 175 7.78 13.41 17.89
N ALA A 176 8.25 14.65 17.70
CA ALA A 176 7.38 15.81 17.83
C ALA A 176 6.26 15.78 16.79
N ILE A 177 6.59 15.37 15.56
CA ILE A 177 5.59 15.35 14.49
C ILE A 177 4.50 14.33 14.80
N VAL A 178 4.90 13.13 15.25
CA VAL A 178 3.91 12.10 15.55
C VAL A 178 3.08 12.49 16.77
N SER A 179 3.72 12.98 17.81
CA SER A 179 2.99 13.46 18.98
C SER A 179 2.17 14.70 18.66
N GLY A 180 2.68 15.57 17.80
CA GLY A 180 1.93 16.75 17.41
C GLY A 180 0.66 16.39 16.64
N ALA A 181 0.76 15.40 15.75
CA ALA A 181 -0.42 14.96 15.03
C ALA A 181 -1.46 14.36 15.96
N ALA A 182 -1.01 13.61 16.97
CA ALA A 182 -1.93 13.01 17.93
C ALA A 182 -2.63 14.08 18.77
N LEU A 183 -1.93 15.18 19.07
CA LEU A 183 -2.52 16.24 19.87
C LEU A 183 -3.69 16.90 19.17
N LEU A 184 -3.57 17.14 17.86
CA LEU A 184 -4.70 17.69 17.10
C LEU A 184 -5.87 16.72 17.09
N ASN A 185 -5.60 15.43 16.94
CA ASN A 185 -6.68 14.45 16.97
C ASN A 185 -7.27 14.30 18.37
N ALA A 186 -6.42 14.44 19.40
CA ALA A 186 -6.91 14.32 20.78
C ALA A 186 -7.79 15.50 21.17
N CYS A 187 -7.41 16.71 20.75
CA CYS A 187 -8.19 17.89 21.10
C CYS A 187 -9.46 18.02 20.29
N SER A 188 -9.43 17.56 19.03
CA SER A 188 -10.61 17.66 18.18
C SER A 188 -11.77 16.80 18.66
N ILE A 189 -11.49 15.79 19.47
CA ILE A 189 -12.53 14.94 20.04
C ILE A 189 -12.82 15.32 21.49
N THR A 190 -12.29 16.45 21.95
CA THR A 190 -12.52 16.90 23.31
C THR A 190 -12.86 18.38 23.43
N ASN A 191 -12.91 19.12 22.31
CA ASN A 191 -13.27 20.54 22.31
C ASN A 191 -12.34 21.35 23.21
N ARG A 192 -11.07 21.39 22.82
CA ARG A 192 -9.99 21.94 23.64
C ARG A 192 -9.11 22.87 22.83
N LYS A 193 -9.75 23.87 22.19
CA LYS A 193 -9.10 24.87 21.35
C LYS A 193 -7.73 25.29 21.88
N MET A 194 -6.74 25.32 20.98
CA MET A 194 -5.34 25.44 21.40
C MET A 194 -5.06 26.77 22.09
N GLU A 195 -5.89 27.79 21.88
CA GLU A 195 -5.63 29.09 22.49
C GLU A 195 -5.75 29.05 24.01
N ASP A 196 -6.47 28.09 24.57
CA ASP A 196 -6.61 27.91 26.01
C ASP A 196 -6.12 26.52 26.41
N MET A 197 -4.95 26.14 25.91
CA MET A 197 -4.47 24.76 25.98
C MET A 197 -3.14 24.74 26.73
N ARG A 198 -3.13 24.12 27.90
CA ARG A 198 -1.96 24.12 28.78
C ARG A 198 -1.13 22.87 28.51
N ILE A 199 0.17 23.06 28.34
CA ILE A 199 1.09 21.99 27.98
C ILE A 199 2.18 21.90 29.04
N VAL A 200 2.46 20.68 29.51
CA VAL A 200 3.56 20.41 30.42
C VAL A 200 4.37 19.25 29.86
N VAL A 201 5.67 19.47 29.67
CA VAL A 201 6.56 18.46 29.14
C VAL A 201 7.51 18.05 30.27
N ASN A 202 7.52 16.77 30.61
CA ASN A 202 8.36 16.25 31.68
C ASN A 202 9.53 15.51 31.08
N GLY A 203 10.74 15.86 31.50
CA GLY A 203 11.95 15.24 30.97
C GLY A 203 12.52 15.97 29.78
N ALA A 204 12.79 17.27 29.94
CA ALA A 204 13.31 18.08 28.85
C ALA A 204 14.62 17.50 28.32
N GLY A 205 14.72 17.41 26.99
CA GLY A 205 15.90 16.84 26.36
C GLY A 205 15.95 17.10 24.87
N ALA A 206 16.40 16.12 24.10
CA ALA A 206 16.50 16.29 22.66
C ALA A 206 15.12 16.38 22.00
N SER A 207 14.22 15.46 22.35
CA SER A 207 12.90 15.44 21.74
C SER A 207 11.98 16.51 22.32
N ALA A 208 12.13 16.82 23.61
CA ALA A 208 11.18 17.71 24.29
C ALA A 208 11.21 19.12 23.72
N ASN A 209 12.40 19.62 23.39
CA ASN A 209 12.51 20.98 22.86
C ASN A 209 11.75 21.12 21.55
N SER A 210 11.88 20.13 20.66
CA SER A 210 11.16 20.18 19.39
C SER A 210 9.67 19.99 19.60
N CYS A 211 9.28 19.17 20.58
CA CYS A 211 7.86 18.98 20.87
C CYS A 211 7.20 20.28 21.31
N ALA A 212 7.88 21.04 22.18
CA ALA A 212 7.34 22.32 22.62
C ALA A 212 7.25 23.30 21.45
N LYS A 213 8.27 23.33 20.59
CA LYS A 213 8.23 24.21 19.43
C LYS A 213 7.13 23.79 18.47
N ILE A 214 6.97 22.49 18.24
CA ILE A 214 5.95 22.00 17.33
C ILE A 214 4.56 22.38 17.83
N PHE A 215 4.31 22.21 19.14
CA PHE A 215 3.03 22.58 19.70
C PHE A 215 2.77 24.08 19.57
N ILE A 216 3.81 24.89 19.79
CA ILE A 216 3.66 26.34 19.65
C ILE A 216 3.26 26.70 18.22
N ALA A 217 3.91 26.09 17.23
CA ALA A 217 3.53 26.31 15.84
C ALA A 217 2.13 25.79 15.54
N LEU A 218 1.58 24.93 16.38
CA LEU A 218 0.22 24.42 16.22
C LEU A 218 -0.77 25.27 17.01
N GLY A 219 -0.71 26.58 16.81
CA GLY A 219 -1.64 27.51 17.42
C GLY A 219 -1.61 27.55 18.93
N ALA A 220 -0.43 27.40 19.53
CA ALA A 220 -0.28 27.43 20.97
C ALA A 220 0.77 28.45 21.36
N ARG A 221 0.70 28.89 22.61
CA ARG A 221 1.58 29.90 23.15
C ARG A 221 2.49 29.30 24.22
N ARG A 222 3.72 29.82 24.30
CA ARG A 222 4.69 29.32 25.27
C ARG A 222 4.29 29.62 26.71
N GLU A 223 3.36 30.56 26.92
CA GLU A 223 2.96 30.91 28.28
C GLU A 223 2.33 29.74 29.02
N ASN A 224 1.61 28.88 28.30
CA ASN A 224 0.96 27.73 28.89
C ASN A 224 1.82 26.48 28.83
N ILE A 225 3.07 26.59 28.37
CA ILE A 225 3.98 25.46 28.24
C ILE A 225 5.03 25.55 29.34
N ILE A 226 5.12 24.51 30.15
CA ILE A 226 6.10 24.42 31.23
C ILE A 226 6.87 23.12 31.08
N MET A 227 8.19 23.21 31.14
CA MET A 227 9.07 22.05 30.99
C MET A 227 9.67 21.66 32.33
N CYS A 228 9.78 20.35 32.55
CA CYS A 228 10.30 19.79 33.78
C CYS A 228 11.67 19.16 33.55
N ASP A 229 12.22 18.57 34.59
CA ASP A 229 13.52 17.92 34.53
C ASP A 229 13.64 17.01 35.75
N SER A 230 14.78 16.31 35.83
CA SER A 230 15.04 15.47 36.99
C SER A 230 15.14 16.29 38.26
N GLN A 231 15.59 17.54 38.15
CA GLN A 231 15.66 18.45 39.29
C GLN A 231 14.38 19.27 39.42
N GLY A 232 13.24 18.59 39.45
CA GLY A 232 11.96 19.27 39.55
C GLY A 232 11.60 20.01 38.27
N VAL A 233 10.63 20.90 38.43
CA VAL A 233 10.15 21.72 37.31
C VAL A 233 11.07 22.92 37.15
N ILE A 234 11.56 23.14 35.93
CA ILE A 234 12.44 24.25 35.64
C ILE A 234 11.62 25.44 35.18
N TYR A 235 12.19 26.63 35.33
CA TYR A 235 11.57 27.88 34.91
C TYR A 235 12.66 28.95 34.93
N LYS A 236 12.25 30.20 34.69
CA LYS A 236 13.21 31.29 34.57
C LYS A 236 13.95 31.53 35.88
N GLY A 237 13.32 31.22 37.02
CA GLY A 237 13.97 31.43 38.30
C GLY A 237 15.17 30.54 38.51
N ARG A 238 15.21 29.39 37.84
CA ARG A 238 16.35 28.49 37.95
C ARG A 238 17.61 29.17 37.40
N THR A 239 18.74 28.95 38.07
CA THR A 239 19.97 29.62 37.70
C THR A 239 20.55 29.01 36.44
N ALA A 240 20.05 29.44 35.28
CA ALA A 240 20.49 29.08 33.93
C ALA A 240 20.22 27.62 33.58
N GLY A 241 19.69 26.82 34.50
CA GLY A 241 19.44 25.41 34.24
C GLY A 241 20.64 24.67 33.69
N MET A 242 20.55 24.25 32.43
CA MET A 242 21.67 23.67 31.71
C MET A 242 21.62 24.12 30.26
N ASN A 243 22.79 24.39 29.69
CA ASN A 243 22.94 24.85 28.31
C ASN A 243 22.09 26.11 28.12
N LYS A 244 21.59 26.33 26.91
CA LYS A 244 20.71 27.45 26.62
C LYS A 244 19.49 27.07 25.79
N TYR A 245 19.45 25.87 25.22
CA TYR A 245 18.33 25.48 24.36
C TYR A 245 17.03 25.41 25.15
N LYS A 246 17.07 24.83 26.35
CA LYS A 246 15.87 24.73 27.18
C LYS A 246 15.45 26.07 27.75
N GLU A 247 16.37 27.03 27.85
CA GLU A 247 16.01 28.36 28.32
C GLU A 247 15.15 29.12 27.31
N TYR A 248 15.13 28.68 26.05
CA TYR A 248 14.35 29.37 25.03
C TYR A 248 12.85 29.29 25.34
N PHE A 249 12.39 28.13 25.77
CA PHE A 249 10.97 27.92 26.08
C PHE A 249 10.65 28.00 27.55
N ALA A 250 11.63 28.31 28.40
CA ALA A 250 11.38 28.40 29.83
C ALA A 250 10.42 29.54 30.14
N SER A 251 9.46 29.27 31.00
CA SER A 251 8.44 30.24 31.38
C SER A 251 8.83 30.91 32.69
N GLU A 252 7.91 31.71 33.23
CA GLU A 252 8.13 32.40 34.50
C GLU A 252 7.08 32.00 35.52
N THR A 253 6.77 30.71 35.58
CA THR A 253 5.74 30.19 36.48
C THR A 253 6.37 29.86 37.83
N GLU A 254 5.70 30.30 38.90
CA GLU A 254 6.25 30.12 40.25
C GLU A 254 6.35 28.65 40.62
N ALA A 255 5.54 27.79 40.00
CA ALA A 255 5.57 26.37 40.31
C ALA A 255 6.93 25.77 39.95
N ARG A 256 7.44 24.91 40.84
CA ARG A 256 8.72 24.25 40.64
C ARG A 256 8.67 22.76 40.97
N THR A 257 7.47 22.20 41.11
CA THR A 257 7.29 20.79 41.42
C THR A 257 6.32 20.18 40.42
N LEU A 258 6.63 18.95 39.98
CA LEU A 258 5.76 18.27 39.04
C LEU A 258 4.36 18.10 39.58
N THR A 259 4.24 17.86 40.90
CA THR A 259 2.93 17.78 41.53
C THR A 259 2.17 19.10 41.41
N GLU A 260 2.86 20.21 41.67
CA GLU A 260 2.20 21.51 41.60
C GLU A 260 1.98 21.95 40.16
N ALA A 261 2.96 21.70 39.28
CA ALA A 261 2.88 22.21 37.92
C ALA A 261 1.84 21.49 37.07
N LEU A 262 1.43 20.28 37.46
CA LEU A 262 0.46 19.53 36.68
C LEU A 262 -0.98 19.87 37.03
N ARG A 263 -1.21 20.75 38.00
CA ARG A 263 -2.56 21.19 38.31
C ARG A 263 -3.06 22.13 37.23
N GLY A 264 -4.19 21.78 36.61
CA GLY A 264 -4.73 22.57 35.53
C GLY A 264 -4.04 22.38 34.20
N ALA A 265 -3.10 21.43 34.09
CA ALA A 265 -2.39 21.19 32.84
C ALA A 265 -3.27 20.38 31.90
N ASP A 266 -3.52 20.91 30.71
CA ASP A 266 -4.36 20.22 29.75
C ASP A 266 -3.72 18.92 29.30
N VAL A 267 -2.41 18.94 29.04
CA VAL A 267 -1.69 17.76 28.55
C VAL A 267 -0.40 17.58 29.34
N PHE A 268 0.15 16.37 29.27
CA PHE A 268 1.38 16.00 29.95
C PHE A 268 2.20 15.14 29.00
N VAL A 269 3.34 15.66 28.55
CA VAL A 269 4.21 14.97 27.60
C VAL A 269 5.32 14.31 28.42
N GLY A 270 5.21 13.00 28.62
CA GLY A 270 6.15 12.27 29.44
C GLY A 270 7.37 11.76 28.69
N LEU A 271 8.27 12.66 28.31
CA LEU A 271 9.51 12.27 27.64
C LEU A 271 10.65 12.13 28.66
N SER A 272 10.43 11.25 29.64
CA SER A 272 11.37 11.05 30.72
C SER A 272 11.42 9.55 31.04
N VAL A 273 12.03 9.22 32.18
CA VAL A 273 12.20 7.85 32.62
C VAL A 273 10.87 7.30 33.13
N ALA A 274 10.82 5.99 33.35
CA ALA A 274 9.59 5.34 33.81
C ALA A 274 9.30 5.70 35.26
N GLY A 275 8.06 5.46 35.66
CA GLY A 275 7.62 5.72 37.02
C GLY A 275 7.69 7.19 37.39
N ALA A 276 7.22 8.06 36.49
CA ALA A 276 7.25 9.50 36.72
C ALA A 276 5.85 10.09 36.86
N LEU A 277 4.86 9.27 37.20
CA LEU A 277 3.49 9.77 37.38
C LEU A 277 2.91 9.17 38.65
N THR A 278 2.06 9.97 39.30
CA THR A 278 1.35 9.61 40.52
C THR A 278 -0.12 9.96 40.34
N PRO A 279 -1.03 9.16 40.92
CA PRO A 279 -2.46 9.46 40.77
C PRO A 279 -2.88 10.80 41.34
N GLU A 280 -2.06 11.43 42.19
CA GLU A 280 -2.45 12.70 42.77
C GLU A 280 -2.62 13.78 41.70
N MET A 281 -1.71 13.84 40.73
CA MET A 281 -1.87 14.76 39.61
C MET A 281 -2.61 14.14 38.42
N LEU A 282 -2.94 12.85 38.49
CA LEU A 282 -3.76 12.26 37.44
C LEU A 282 -5.21 12.67 37.55
N LYS A 283 -5.66 13.05 38.75
CA LYS A 283 -7.03 13.50 38.98
C LYS A 283 -7.09 15.01 39.20
N ASP A 284 -6.13 15.75 38.63
CA ASP A 284 -6.07 17.19 38.84
C ASP A 284 -5.74 17.97 37.56
N MET A 285 -5.95 17.39 36.39
CA MET A 285 -5.55 18.05 35.14
C MET A 285 -6.71 18.86 34.54
N ALA A 286 -7.76 18.18 34.12
CA ALA A 286 -8.90 18.81 33.46
C ALA A 286 -9.99 17.76 33.27
N LYS A 287 -11.06 18.14 32.57
CA LYS A 287 -12.13 17.20 32.25
C LYS A 287 -11.72 16.21 31.18
N ASP A 288 -10.67 16.49 30.41
CA ASP A 288 -10.18 15.58 29.39
C ASP A 288 -8.67 15.73 29.28
N PRO A 289 -7.92 15.09 30.17
CA PRO A 289 -6.46 15.19 30.11
C PRO A 289 -5.88 14.26 29.06
N ILE A 290 -4.88 14.75 28.33
CA ILE A 290 -4.18 13.97 27.31
C ILE A 290 -2.76 13.74 27.80
N ILE A 291 -2.38 12.47 27.96
CA ILE A 291 -1.07 12.11 28.49
C ILE A 291 -0.30 11.32 27.44
N PHE A 292 1.03 11.43 27.50
CA PHE A 292 1.93 10.78 26.54
C PHE A 292 2.95 9.97 27.34
N ALA A 293 2.74 8.66 27.43
CA ALA A 293 3.69 7.76 28.08
C ALA A 293 4.72 7.33 27.04
N MET A 294 5.81 8.09 26.94
CA MET A 294 6.75 7.96 25.85
C MET A 294 7.94 7.05 26.16
N ALA A 295 8.17 6.72 27.43
CA ALA A 295 9.33 5.91 27.78
C ALA A 295 9.19 4.49 27.22
N ASN A 296 10.20 4.05 26.48
CA ASN A 296 10.19 2.75 25.81
C ASN A 296 10.49 1.57 26.74
N PRO A 297 11.54 1.64 27.58
CA PRO A 297 11.82 0.48 28.45
C PRO A 297 10.66 0.12 29.36
N GLU A 298 9.93 1.13 29.83
CA GLU A 298 8.71 0.93 30.61
C GLU A 298 7.89 2.21 30.55
N PRO A 299 6.59 2.13 30.25
CA PRO A 299 5.79 3.34 30.11
C PRO A 299 5.75 4.14 31.40
N GLU A 300 5.69 5.47 31.25
CA GLU A 300 5.59 6.34 32.41
C GLU A 300 4.34 6.03 33.22
N ILE A 301 3.20 5.89 32.54
CA ILE A 301 1.95 5.47 33.15
C ILE A 301 1.37 4.37 32.29
N THR A 302 1.12 3.21 32.89
CA THR A 302 0.50 2.11 32.17
C THR A 302 -0.94 2.50 31.82
N PRO A 303 -1.38 2.24 30.59
CA PRO A 303 -2.78 2.59 30.24
C PRO A 303 -3.81 1.90 31.12
N ASP A 304 -3.52 0.70 31.60
CA ASP A 304 -4.42 0.06 32.55
C ASP A 304 -4.49 0.84 33.85
N LYS A 305 -3.34 1.32 34.35
CA LYS A 305 -3.35 2.16 35.54
C LYS A 305 -4.07 3.47 35.29
N ALA A 306 -3.87 4.08 34.12
CA ALA A 306 -4.57 5.31 33.79
C ALA A 306 -6.06 5.08 33.68
N ARG A 307 -6.47 3.93 33.14
CA ARG A 307 -7.89 3.61 33.08
C ARG A 307 -8.48 3.40 34.46
N ALA A 308 -7.70 2.90 35.41
CA ALA A 308 -8.17 2.80 36.79
C ALA A 308 -8.45 4.18 37.38
N ALA A 309 -7.71 5.20 36.94
CA ALA A 309 -7.98 6.57 37.31
C ALA A 309 -9.12 7.12 36.45
N ARG A 310 -9.30 8.43 36.46
CA ARG A 310 -10.32 9.12 35.66
C ARG A 310 -10.34 8.59 34.23
N PRO A 311 -11.43 7.96 33.81
CA PRO A 311 -11.48 7.39 32.45
C PRO A 311 -11.37 8.41 31.34
N ASP A 312 -11.63 9.69 31.63
CA ASP A 312 -11.55 10.74 30.62
C ASP A 312 -10.12 11.07 30.22
N ALA A 313 -9.12 10.37 30.76
CA ALA A 313 -7.72 10.64 30.46
C ALA A 313 -7.38 10.02 29.11
N ILE A 314 -7.09 10.86 28.12
CA ILE A 314 -6.66 10.38 26.82
C ILE A 314 -5.20 9.99 26.91
N ILE A 315 -4.89 8.73 26.58
CA ILE A 315 -3.54 8.19 26.73
C ILE A 315 -3.03 7.79 25.35
N ALA A 316 -1.87 8.34 24.97
CA ALA A 316 -1.18 7.98 23.73
C ALA A 316 0.26 7.65 24.10
N THR A 317 0.55 6.37 24.22
CA THR A 317 1.85 5.90 24.69
C THR A 317 2.83 5.81 23.53
N GLY A 318 3.95 5.11 23.74
CA GLY A 318 4.93 4.89 22.71
C GLY A 318 5.38 3.44 22.61
N ARG A 319 4.50 2.50 22.98
CA ARG A 319 4.81 1.08 22.94
C ARG A 319 3.80 0.37 22.05
N SER A 320 4.29 -0.65 21.33
CA SER A 320 3.48 -1.36 20.34
C SER A 320 2.38 -2.21 20.96
N ASP A 321 2.39 -2.43 22.27
CA ASP A 321 1.41 -3.28 22.93
C ASP A 321 0.14 -2.55 23.30
N TYR A 322 0.08 -1.23 23.10
CA TYR A 322 -1.06 -0.42 23.49
C TYR A 322 -1.50 0.47 22.35
N PRO A 323 -2.76 0.89 22.34
CA PRO A 323 -3.23 1.77 21.27
C PRO A 323 -2.57 3.13 21.28
N ASN A 324 -2.65 3.82 20.15
CA ASN A 324 -2.07 5.14 19.95
C ASN A 324 -0.57 5.14 20.26
N GLN A 325 0.12 4.14 19.74
CA GLN A 325 1.57 4.07 19.89
C GLN A 325 2.22 5.19 19.08
N VAL A 326 3.13 5.93 19.72
CA VAL A 326 3.88 6.98 19.06
C VAL A 326 5.13 6.34 18.47
N ASN A 327 5.12 6.12 17.16
CA ASN A 327 6.21 5.49 16.45
C ASN A 327 6.87 6.50 15.51
N ASN A 328 8.19 6.61 15.60
CA ASN A 328 8.92 7.52 14.72
C ASN A 328 8.83 7.11 13.25
N VAL A 329 8.58 5.83 12.98
CA VAL A 329 8.53 5.33 11.61
C VAL A 329 7.38 5.94 10.82
N LEU A 330 6.43 6.59 11.48
CA LEU A 330 5.34 7.27 10.77
C LEU A 330 5.77 8.60 10.15
N GLY A 331 6.81 9.24 10.69
CA GLY A 331 7.16 10.57 10.25
C GLY A 331 8.25 10.69 9.20
N PHE A 332 9.42 10.08 9.47
CA PHE A 332 10.59 10.37 8.64
C PHE A 332 10.56 9.74 7.24
N PRO A 333 10.02 8.53 7.03
CA PRO A 333 10.04 7.99 5.66
C PRO A 333 9.22 8.81 4.68
N SER A 334 8.02 9.23 5.08
CA SER A 334 7.17 10.01 4.18
C SER A 334 7.72 11.43 4.00
N ILE A 335 8.28 12.02 5.06
CA ILE A 335 8.83 13.36 4.96
C ILE A 335 10.00 13.39 3.99
N PHE A 336 10.91 12.42 4.10
CA PHE A 336 12.05 12.37 3.19
C PHE A 336 11.61 12.03 1.78
N ARG A 337 10.59 11.19 1.63
CA ARG A 337 10.08 10.87 0.30
C ARG A 337 9.52 12.11 -0.38
N GLY A 338 8.77 12.93 0.35
CA GLY A 338 8.26 14.16 -0.23
C GLY A 338 9.36 15.16 -0.56
N ALA A 339 10.34 15.29 0.33
CA ALA A 339 11.45 16.21 0.09
C ALA A 339 12.32 15.74 -1.09
N LEU A 340 12.57 14.43 -1.16
CA LEU A 340 13.42 13.91 -2.23
C LEU A 340 12.73 13.94 -3.59
N ASP A 341 11.42 13.69 -3.63
CA ASP A 341 10.70 13.68 -4.90
C ASP A 341 10.62 15.09 -5.49
N THR A 342 10.50 16.12 -4.66
CA THR A 342 10.49 17.50 -5.11
C THR A 342 11.89 18.08 -5.25
N ARG A 343 12.92 17.30 -4.93
CA ARG A 343 14.31 17.77 -4.95
C ARG A 343 14.49 19.01 -4.09
N SER A 344 13.86 19.01 -2.92
CA SER A 344 13.97 20.13 -2.01
C SER A 344 15.38 20.21 -1.42
N THR A 345 15.73 21.41 -0.97
CA THR A 345 17.05 21.65 -0.37
C THR A 345 17.01 21.72 1.15
N GLN A 346 15.82 21.79 1.76
CA GLN A 346 15.69 21.87 3.21
C GLN A 346 14.44 21.11 3.64
N ILE A 347 14.39 20.80 4.93
CA ILE A 347 13.20 20.29 5.58
C ILE A 347 12.83 21.32 6.64
N ASN A 348 11.97 22.27 6.27
CA ASN A 348 11.65 23.39 7.14
C ASN A 348 10.45 23.06 8.01
N GLU A 349 10.07 24.02 8.87
CA GLU A 349 8.92 23.82 9.74
C GLU A 349 7.62 23.73 8.94
N GLU A 350 7.56 24.36 7.77
CA GLU A 350 6.37 24.28 6.93
C GLU A 350 6.10 22.85 6.50
N MET A 351 7.14 22.13 6.07
CA MET A 351 6.97 20.75 5.66
C MET A 351 6.69 19.84 6.85
N LYS A 352 7.33 20.11 8.00
CA LYS A 352 7.05 19.33 9.20
C LYS A 352 5.61 19.50 9.65
N LEU A 353 5.08 20.72 9.55
CA LEU A 353 3.68 20.96 9.89
C LEU A 353 2.74 20.25 8.91
N ALA A 354 3.14 20.18 7.64
CA ALA A 354 2.32 19.47 6.66
C ALA A 354 2.20 17.99 7.01
N ALA A 355 3.31 17.38 7.45
CA ALA A 355 3.26 16.00 7.89
C ALA A 355 2.42 15.84 9.16
N VAL A 356 2.46 16.86 10.03
CA VAL A 356 1.63 16.82 11.25
C VAL A 356 0.15 16.83 10.88
N HIS A 357 -0.23 17.69 9.94
CA HIS A 357 -1.63 17.75 9.52
C HIS A 357 -2.03 16.48 8.77
N ALA A 358 -1.17 16.02 7.85
CA ALA A 358 -1.51 14.86 7.03
C ALA A 358 -1.73 13.63 7.90
N LEU A 359 -0.87 13.42 8.90
CA LEU A 359 -1.05 12.28 9.80
C LEU A 359 -2.34 12.42 10.61
N ALA A 360 -2.69 13.64 11.01
CA ALA A 360 -3.91 13.85 11.78
C ALA A 360 -5.16 13.55 10.95
N LYS A 361 -5.19 14.05 9.71
CA LYS A 361 -6.34 13.80 8.84
C LYS A 361 -6.44 12.33 8.46
N LEU A 362 -5.30 11.66 8.32
CA LEU A 362 -5.30 10.25 7.94
C LEU A 362 -5.99 9.39 9.01
N ALA A 363 -5.75 9.70 10.28
CA ALA A 363 -6.45 8.98 11.35
C ALA A 363 -7.93 9.29 11.35
N ARG A 364 -8.32 10.45 10.82
CA ARG A 364 -9.73 10.84 10.71
C ARG A 364 -10.36 10.24 9.45
N MET A 365 -10.24 8.92 9.30
CA MET A 365 -10.64 8.25 8.07
C MET A 365 -10.93 6.79 8.38
N ASP A 366 -11.51 6.10 7.41
CA ASP A 366 -11.81 4.68 7.56
C ASP A 366 -10.52 3.85 7.52
N VAL A 367 -10.57 2.71 8.21
CA VAL A 367 -9.42 1.81 8.29
C VAL A 367 -9.72 0.56 7.46
N PRO A 368 -9.07 0.38 6.31
CA PRO A 368 -9.30 -0.82 5.50
C PRO A 368 -8.84 -2.08 6.22
N ASP A 369 -9.29 -3.21 5.69
CA ASP A 369 -8.96 -4.51 6.28
C ASP A 369 -7.47 -4.83 6.18
N LYS A 370 -6.75 -4.18 5.25
CA LYS A 370 -5.31 -4.41 5.15
C LYS A 370 -4.60 -3.98 6.43
N VAL A 371 -4.99 -2.82 6.97
CA VAL A 371 -4.44 -2.38 8.25
C VAL A 371 -4.87 -3.32 9.37
N SER A 372 -6.15 -3.72 9.37
CA SER A 372 -6.66 -4.59 10.42
C SER A 372 -6.00 -5.97 10.37
N ALA A 373 -5.95 -6.57 9.19
CA ALA A 373 -5.37 -7.91 9.06
C ALA A 373 -3.90 -7.91 9.44
N THR A 374 -3.20 -6.79 9.21
CA THR A 374 -1.82 -6.68 9.65
C THR A 374 -1.72 -6.77 11.18
N TYR A 375 -2.60 -6.06 11.87
CA TYR A 375 -2.59 -6.05 13.34
C TYR A 375 -3.66 -6.99 13.90
N GLY A 376 -3.49 -8.28 13.59
CA GLY A 376 -4.29 -9.32 14.22
C GLY A 376 -5.79 -9.21 14.01
N GLY A 377 -6.22 -8.52 12.96
CA GLY A 377 -7.64 -8.40 12.67
C GLY A 377 -8.44 -7.65 13.71
N LYS A 378 -7.94 -6.50 14.15
CA LYS A 378 -8.65 -5.66 15.10
C LYS A 378 -9.52 -4.65 14.34
N SER A 379 -10.06 -3.67 15.06
CA SER A 379 -10.89 -2.63 14.48
C SER A 379 -10.42 -1.28 14.98
N PHE A 380 -10.45 -0.27 14.10
CA PHE A 380 -9.98 1.06 14.45
C PHE A 380 -10.95 2.11 13.92
N LYS A 381 -11.32 3.05 14.77
CA LYS A 381 -12.15 4.19 14.39
C LYS A 381 -11.57 5.44 15.03
N PHE A 382 -11.89 6.60 14.44
CA PHE A 382 -11.36 7.85 14.96
C PHE A 382 -12.03 8.19 16.30
N GLY A 383 -11.62 7.49 17.35
CA GLY A 383 -12.16 7.75 18.68
C GLY A 383 -11.08 8.17 19.66
N ARG A 384 -10.84 7.31 20.66
CA ARG A 384 -9.80 7.56 21.65
C ARG A 384 -8.67 6.55 21.61
N ASP A 385 -8.93 5.34 21.12
CA ASP A 385 -7.91 4.32 20.96
C ASP A 385 -7.27 4.32 19.57
N TYR A 386 -7.68 5.23 18.70
CA TYR A 386 -7.08 5.40 17.37
C TYR A 386 -7.04 6.89 17.08
N LEU A 387 -5.93 7.54 17.46
CA LEU A 387 -5.72 8.95 17.20
C LEU A 387 -4.70 9.21 16.10
N ILE A 388 -3.84 8.25 15.80
CA ILE A 388 -2.86 8.39 14.72
C ILE A 388 -2.84 7.13 13.89
N PRO A 389 -2.43 7.24 12.63
CA PRO A 389 -2.34 6.05 11.77
C PRO A 389 -1.35 5.04 12.33
N LYS A 390 -1.65 3.77 12.09
CA LYS A 390 -0.80 2.70 12.59
C LYS A 390 0.55 2.74 11.89
N PRO A 391 1.62 2.29 12.57
CA PRO A 391 2.96 2.35 11.96
C PRO A 391 3.08 1.59 10.66
N PHE A 392 2.38 0.46 10.52
CA PHE A 392 2.46 -0.37 9.33
C PHE A 392 1.38 -0.02 8.31
N ASP A 393 0.70 1.10 8.49
CA ASP A 393 -0.32 1.53 7.54
C ASP A 393 0.33 1.93 6.23
N THR A 394 -0.16 1.33 5.13
CA THR A 394 0.41 1.61 3.81
C THR A 394 0.02 3.01 3.32
N ARG A 395 -1.17 3.49 3.69
CA ARG A 395 -1.65 4.78 3.22
C ARG A 395 -0.84 5.96 3.76
N VAL A 396 0.03 5.74 4.76
CA VAL A 396 0.80 6.83 5.32
C VAL A 396 1.70 7.47 4.26
N LEU A 397 2.37 6.63 3.46
CA LEU A 397 3.18 7.15 2.37
C LEU A 397 2.31 7.83 1.32
N LEU A 398 1.11 7.28 1.07
CA LEU A 398 0.26 7.80 0.02
C LEU A 398 -0.34 9.15 0.38
N TRP A 399 -0.41 9.48 1.67
CA TRP A 399 -1.04 10.72 2.11
C TRP A 399 -0.05 11.74 2.63
N VAL A 400 0.89 11.32 3.50
CA VAL A 400 1.81 12.27 4.12
C VAL A 400 2.79 12.80 3.09
N ALA A 401 3.34 11.93 2.25
CA ALA A 401 4.36 12.35 1.28
C ALA A 401 3.84 13.40 0.31
N PRO A 402 2.68 13.26 -0.33
CA PRO A 402 2.19 14.35 -1.18
C PRO A 402 1.95 15.64 -0.41
N GLU A 403 1.50 15.56 0.84
CA GLU A 403 1.33 16.76 1.65
C GLU A 403 2.66 17.43 1.92
N VAL A 404 3.70 16.64 2.23
CA VAL A 404 5.04 17.19 2.43
C VAL A 404 5.56 17.78 1.12
N ALA A 405 5.28 17.11 -0.01
CA ALA A 405 5.73 17.61 -1.30
C ALA A 405 5.10 18.96 -1.62
N LYS A 406 3.80 19.11 -1.33
CA LYS A 406 3.12 20.39 -1.58
C LYS A 406 3.71 21.51 -0.74
N ALA A 407 4.01 21.23 0.53
CA ALA A 407 4.57 22.26 1.40
C ALA A 407 5.92 22.73 0.91
N ALA A 408 6.69 21.83 0.28
CA ALA A 408 7.96 22.23 -0.32
C ALA A 408 7.74 23.22 -1.46
N MET A 409 6.69 22.99 -2.27
CA MET A 409 6.38 23.92 -3.35
C MET A 409 5.98 25.29 -2.81
N LYS A 410 5.15 25.31 -1.76
CA LYS A 410 4.66 26.58 -1.23
C LYS A 410 5.72 27.33 -0.45
N SER A 411 6.72 26.63 0.09
CA SER A 411 7.81 27.28 0.81
C SER A 411 8.98 27.66 -0.09
N GLY A 412 8.99 27.20 -1.34
CA GLY A 412 10.01 27.58 -2.30
C GLY A 412 11.29 26.78 -2.24
N VAL A 413 11.44 25.87 -1.28
CA VAL A 413 12.65 25.07 -1.21
C VAL A 413 12.72 24.06 -2.34
N ALA A 414 11.57 23.55 -2.79
CA ALA A 414 11.56 22.54 -3.85
C ALA A 414 12.13 23.11 -5.14
N THR A 415 13.02 22.34 -5.77
CA THR A 415 13.64 22.71 -7.03
C THR A 415 13.13 21.88 -8.20
N ARG A 416 12.11 21.04 -7.98
CA ARG A 416 11.50 20.24 -9.02
C ARG A 416 9.99 20.37 -8.93
N ALA A 417 9.33 20.25 -10.07
CA ALA A 417 7.90 20.50 -10.18
C ALA A 417 7.13 19.20 -10.31
N ILE A 418 6.06 19.06 -9.51
CA ILE A 418 5.13 17.95 -9.65
C ILE A 418 3.81 18.50 -10.18
N GLU A 419 3.66 18.51 -11.50
CA GLU A 419 2.46 19.11 -12.09
C GLU A 419 1.24 18.22 -11.91
N ASP A 420 1.40 16.91 -12.11
CA ASP A 420 0.29 15.97 -12.00
C ASP A 420 0.38 15.27 -10.66
N TRP A 421 -0.61 15.49 -9.80
CA TRP A 421 -0.57 14.93 -8.46
C TRP A 421 -1.25 13.56 -8.37
N ASP A 422 -2.23 13.29 -9.24
CA ASP A 422 -2.79 11.94 -9.29
C ASP A 422 -1.75 10.95 -9.77
N GLN A 423 -0.90 11.37 -10.71
CA GLN A 423 0.20 10.51 -11.15
C GLN A 423 1.22 10.28 -10.05
N TYR A 424 1.38 11.28 -9.16
CA TYR A 424 2.38 11.17 -8.10
C TYR A 424 1.99 10.11 -7.08
N ARG A 425 0.73 10.09 -6.67
CA ARG A 425 0.27 9.07 -5.72
C ARG A 425 0.36 7.67 -6.32
N GLU A 426 -0.04 7.52 -7.58
CA GLU A 426 0.04 6.21 -8.20
C GLU A 426 1.49 5.78 -8.45
N SER A 427 2.41 6.75 -8.52
CA SER A 427 3.83 6.41 -8.55
C SER A 427 4.30 5.91 -7.20
N LEU A 428 3.80 6.51 -6.11
CA LEU A 428 4.08 5.98 -4.78
C LEU A 428 3.41 4.62 -4.58
N GLU A 429 2.18 4.48 -5.07
CA GLU A 429 1.48 3.20 -4.96
C GLU A 429 2.13 2.14 -5.82
N ALA A 430 2.83 2.53 -6.88
CA ALA A 430 3.52 1.58 -7.75
C ALA A 430 4.63 0.84 -7.06
N GLN A 431 5.07 1.30 -5.87
CA GLN A 431 6.13 0.62 -5.13
C GLN A 431 5.66 -0.70 -4.53
N GLN A 432 4.36 -0.99 -4.56
CA GLN A 432 3.83 -2.21 -3.97
C GLN A 432 3.94 -3.43 -4.88
N GLY A 433 4.31 -3.25 -6.14
CA GLY A 433 4.51 -4.36 -7.03
C GLY A 433 3.79 -4.20 -8.37
N PRO A 434 4.14 -5.07 -9.33
CA PRO A 434 3.48 -4.98 -10.64
C PRO A 434 1.98 -5.25 -10.60
N SER A 435 1.51 -6.02 -9.62
CA SER A 435 0.08 -6.26 -9.51
C SER A 435 -0.67 -4.96 -9.22
N LYS A 436 -0.13 -4.13 -8.33
CA LYS A 436 -0.75 -2.84 -8.04
C LYS A 436 -0.74 -1.94 -9.27
N VAL A 437 0.34 -1.96 -10.03
CA VAL A 437 0.43 -1.16 -11.25
C VAL A 437 -0.60 -1.63 -12.27
N PHE A 438 -0.74 -2.95 -12.42
CA PHE A 438 -1.68 -3.49 -13.40
C PHE A 438 -3.13 -3.16 -13.04
N ILE A 439 -3.48 -3.28 -11.75
CA ILE A 439 -4.85 -3.00 -11.34
C ILE A 439 -5.16 -1.52 -11.43
N ARG A 440 -4.19 -0.66 -11.08
CA ARG A 440 -4.39 0.77 -11.21
C ARG A 440 -4.59 1.17 -12.66
N SER A 441 -3.84 0.56 -13.57
CA SER A 441 -4.05 0.82 -15.00
C SER A 441 -5.44 0.38 -15.44
N ALA A 442 -5.91 -0.76 -14.94
CA ALA A 442 -7.25 -1.23 -15.27
C ALA A 442 -8.32 -0.33 -14.65
N ILE A 443 -8.08 0.15 -13.44
CA ILE A 443 -9.01 1.08 -12.79
C ILE A 443 -9.09 2.38 -13.60
N ASN A 444 -7.95 2.88 -14.07
CA ASN A 444 -7.95 4.08 -14.90
C ASN A 444 -8.70 3.84 -16.20
N ARG A 445 -8.56 2.65 -16.79
CA ARG A 445 -9.30 2.33 -18.01
C ARG A 445 -10.80 2.29 -17.75
N VAL A 446 -11.21 1.79 -16.59
CA VAL A 446 -12.62 1.83 -16.22
C VAL A 446 -13.10 3.27 -16.13
N HIS A 447 -12.31 4.13 -15.50
CA HIS A 447 -12.68 5.54 -15.38
C HIS A 447 -12.76 6.21 -16.75
N GLN A 448 -11.80 5.93 -17.63
CA GLN A 448 -11.81 6.55 -18.96
C GLN A 448 -12.91 5.98 -19.84
N ASN A 449 -13.24 4.69 -19.66
CA ASN A 449 -14.39 4.13 -20.38
C ASN A 449 -15.68 4.77 -19.90
N SER A 450 -15.82 4.96 -18.58
CA SER A 450 -17.02 5.60 -18.04
C SER A 450 -17.10 7.06 -18.43
N GLU A 451 -15.95 7.73 -18.57
CA GLU A 451 -15.94 9.14 -18.94
C GLU A 451 -16.48 9.35 -20.34
N ALA A 452 -16.23 8.40 -21.24
CA ALA A 452 -16.78 8.49 -22.59
C ALA A 452 -18.23 8.01 -22.66
N ASN A 453 -18.72 7.38 -21.60
CA ASN A 453 -20.09 6.87 -21.53
C ASN A 453 -20.95 7.87 -20.77
N GLY A 454 -20.32 8.94 -20.27
CA GLY A 454 -21.03 9.94 -19.50
C GLY A 454 -21.04 9.72 -18.01
N GLY A 455 -19.99 9.09 -17.46
CA GLY A 455 -19.93 8.87 -16.04
C GLY A 455 -20.84 7.79 -15.52
N GLU A 456 -21.29 6.89 -16.39
CA GLU A 456 -22.20 5.82 -16.02
C GLU A 456 -21.38 4.61 -15.57
N LEU A 457 -21.33 4.39 -14.26
CA LEU A 457 -20.63 3.25 -13.70
C LEU A 457 -21.43 1.97 -13.94
N PRO A 458 -20.75 0.85 -14.17
CA PRO A 458 -21.48 -0.41 -14.35
C PRO A 458 -22.11 -0.87 -13.05
N ARG A 459 -23.26 -1.54 -13.17
CA ARG A 459 -23.95 -2.12 -12.03
C ARG A 459 -23.53 -3.57 -11.90
N ILE A 460 -22.97 -3.94 -10.75
CA ILE A 460 -22.50 -5.30 -10.50
C ILE A 460 -23.23 -5.82 -9.27
N VAL A 461 -23.88 -6.97 -9.42
CA VAL A 461 -24.70 -7.55 -8.37
C VAL A 461 -23.90 -8.65 -7.68
N PHE A 462 -23.96 -8.67 -6.35
CA PHE A 462 -23.27 -9.67 -5.54
C PHE A 462 -24.29 -10.57 -4.85
N PRO A 463 -24.39 -11.84 -5.21
CA PRO A 463 -25.35 -12.74 -4.54
C PRO A 463 -24.98 -13.07 -3.11
N GLU A 464 -23.87 -12.57 -2.60
CA GLU A 464 -23.35 -12.92 -1.28
C GLU A 464 -23.12 -11.66 -0.45
N GLY A 465 -24.15 -10.81 -0.38
CA GLY A 465 -24.06 -9.60 0.41
C GLY A 465 -23.81 -9.85 1.89
N THR A 466 -24.09 -11.06 2.37
CA THR A 466 -23.78 -11.41 3.75
C THR A 466 -22.30 -11.70 3.94
N SER A 467 -21.61 -12.13 2.88
CA SER A 467 -20.20 -12.53 2.99
C SER A 467 -19.34 -11.37 3.49
N THR A 468 -18.45 -11.69 4.42
CA THR A 468 -17.60 -10.66 5.02
C THR A 468 -16.55 -10.15 4.03
N LYS A 469 -15.92 -11.06 3.29
CA LYS A 469 -14.87 -10.66 2.36
C LYS A 469 -15.42 -9.79 1.23
N VAL A 470 -16.62 -10.11 0.74
CA VAL A 470 -17.25 -9.30 -0.28
C VAL A 470 -17.56 -7.90 0.25
N LEU A 471 -18.08 -7.83 1.48
CA LEU A 471 -18.39 -6.53 2.08
C LEU A 471 -17.13 -5.71 2.31
N LYS A 472 -16.07 -6.35 2.80
CA LYS A 472 -14.81 -5.63 3.02
C LYS A 472 -14.21 -5.16 1.71
N ALA A 473 -14.30 -5.98 0.66
CA ALA A 473 -13.79 -5.57 -0.65
C ALA A 473 -14.63 -4.43 -1.23
N LEU A 474 -15.94 -4.44 -0.97
CA LEU A 474 -16.80 -3.37 -1.49
C LEU A 474 -16.45 -2.03 -0.85
N ALA A 475 -15.93 -2.04 0.37
CA ALA A 475 -15.49 -0.81 1.00
C ALA A 475 -14.35 -0.17 0.22
N THR A 476 -13.42 -0.98 -0.26
CA THR A 476 -12.33 -0.47 -1.09
C THR A 476 -12.84 -0.05 -2.47
N LEU A 477 -13.80 -0.79 -3.02
CA LEU A 477 -14.20 -0.58 -4.41
C LEU A 477 -15.07 0.67 -4.59
N VAL A 478 -15.83 1.06 -3.58
CA VAL A 478 -16.69 2.24 -3.73
C VAL A 478 -15.85 3.52 -3.81
N GLU A 479 -14.76 3.57 -3.05
CA GLU A 479 -13.90 4.75 -3.08
C GLU A 479 -13.24 4.94 -4.44
N GLU A 480 -12.99 3.83 -5.15
CA GLU A 480 -12.38 3.91 -6.47
C GLU A 480 -13.38 4.23 -7.56
N ARG A 481 -14.67 4.32 -7.24
CA ARG A 481 -15.73 4.59 -8.21
C ARG A 481 -15.67 3.61 -9.37
N ILE A 482 -15.56 2.33 -9.04
CA ILE A 482 -15.45 1.28 -10.05
C ILE A 482 -16.82 0.81 -10.52
N CYS A 483 -17.76 0.62 -9.59
CA CYS A 483 -19.05 0.05 -9.93
C CYS A 483 -20.09 0.49 -8.90
N GLN A 484 -21.35 0.24 -9.23
CA GLN A 484 -22.45 0.42 -8.29
C GLN A 484 -22.86 -0.94 -7.78
N PRO A 485 -22.51 -1.31 -6.54
CA PRO A 485 -22.80 -2.67 -6.07
C PRO A 485 -24.24 -2.86 -5.63
N ILE A 486 -24.78 -4.02 -5.97
CA ILE A 486 -26.12 -4.45 -5.55
C ILE A 486 -25.95 -5.72 -4.75
N LEU A 487 -26.40 -5.70 -3.50
CA LEU A 487 -26.33 -6.87 -2.65
C LEU A 487 -27.63 -7.65 -2.71
N LEU A 488 -27.53 -8.96 -2.55
CA LEU A 488 -28.68 -9.86 -2.58
C LEU A 488 -28.84 -10.53 -1.23
N GLY A 489 -30.05 -10.49 -0.70
CA GLY A 489 -30.33 -11.09 0.59
C GLY A 489 -31.37 -10.25 1.32
N TYR A 490 -31.64 -10.66 2.54
CA TYR A 490 -32.57 -9.92 3.39
C TYR A 490 -31.96 -8.59 3.78
N PRO A 491 -32.59 -7.46 3.46
CA PRO A 491 -31.97 -6.16 3.79
C PRO A 491 -31.70 -5.98 5.27
N GLU A 492 -32.57 -6.52 6.13
CA GLU A 492 -32.32 -6.43 7.57
C GLU A 492 -31.15 -7.31 8.00
N ARG A 493 -31.00 -8.47 7.35
CA ARG A 493 -29.93 -9.39 7.74
C ARG A 493 -28.56 -8.91 7.28
N VAL A 494 -28.49 -8.28 6.11
CA VAL A 494 -27.20 -7.82 5.61
C VAL A 494 -26.82 -6.46 6.18
N LYS A 495 -27.80 -5.62 6.52
CA LYS A 495 -27.48 -4.35 7.17
C LYS A 495 -26.99 -4.58 8.59
N GLU A 496 -27.44 -5.65 9.23
CA GLU A 496 -26.92 -6.02 10.54
C GLU A 496 -25.44 -6.35 10.47
N LYS A 497 -25.03 -7.07 9.42
CA LYS A 497 -23.61 -7.40 9.26
C LYS A 497 -22.81 -6.21 8.75
N ILE A 498 -23.41 -5.35 7.93
CA ILE A 498 -22.72 -4.15 7.47
C ILE A 498 -22.39 -3.24 8.65
N LYS A 499 -23.35 -3.05 9.55
CA LYS A 499 -23.10 -2.25 10.74
C LYS A 499 -22.10 -2.94 11.67
N ALA A 500 -22.19 -4.27 11.79
CA ALA A 500 -21.27 -5.00 12.65
C ALA A 500 -19.84 -4.88 12.15
N LEU A 501 -19.63 -4.97 10.84
CA LEU A 501 -18.30 -4.83 10.27
C LEU A 501 -17.88 -3.37 10.10
N ASP A 502 -18.79 -2.42 10.33
CA ASP A 502 -18.48 -1.00 10.42
C ASP A 502 -17.86 -0.45 9.14
N ILE A 503 -18.65 -0.47 8.07
CA ILE A 503 -18.34 0.25 6.85
C ILE A 503 -19.36 1.39 6.71
N PRO A 504 -18.95 2.64 6.84
CA PRO A 504 -19.90 3.75 6.64
C PRO A 504 -20.20 4.01 5.18
N LEU A 505 -19.27 3.63 4.30
CA LEU A 505 -19.47 3.84 2.87
C LEU A 505 -20.52 2.90 2.31
N LEU A 506 -20.67 1.71 2.88
CA LEU A 506 -21.66 0.73 2.41
C LEU A 506 -23.00 0.94 3.11
N ASN A 507 -23.53 2.17 3.04
CA ASN A 507 -24.81 2.48 3.66
C ASN A 507 -25.89 2.82 2.64
N ASP A 508 -25.54 3.47 1.54
CA ASP A 508 -26.47 3.74 0.45
C ASP A 508 -26.49 2.63 -0.60
N VAL A 509 -25.74 1.56 -0.38
CA VAL A 509 -25.64 0.48 -1.36
C VAL A 509 -26.98 -0.24 -1.46
N GLN A 510 -27.45 -0.41 -2.69
CA GLN A 510 -28.74 -1.05 -2.91
C GLN A 510 -28.70 -2.52 -2.50
N ILE A 511 -29.72 -2.94 -1.75
CA ILE A 511 -29.89 -4.32 -1.33
C ILE A 511 -31.23 -4.81 -1.86
N VAL A 512 -31.21 -5.95 -2.56
CA VAL A 512 -32.38 -6.51 -3.19
C VAL A 512 -32.61 -7.91 -2.64
N HIS A 513 -33.83 -8.18 -2.18
CA HIS A 513 -34.23 -9.53 -1.83
C HIS A 513 -34.85 -10.19 -3.05
N PRO A 514 -34.34 -11.34 -3.51
CA PRO A 514 -34.87 -11.92 -4.76
C PRO A 514 -36.36 -12.19 -4.74
N SER A 515 -36.87 -12.86 -3.70
CA SER A 515 -38.28 -13.22 -3.67
C SER A 515 -39.17 -11.98 -3.54
N SER A 516 -38.67 -10.91 -2.95
CA SER A 516 -39.46 -9.69 -2.74
C SER A 516 -39.30 -8.69 -3.87
N HIS A 517 -38.51 -9.00 -4.89
CA HIS A 517 -38.29 -8.06 -5.98
C HIS A 517 -39.55 -7.93 -6.83
N PRO A 518 -39.84 -6.73 -7.34
CA PRO A 518 -41.00 -6.57 -8.22
C PRO A 518 -40.94 -7.41 -9.49
N LYS A 519 -39.75 -7.64 -10.03
CA LYS A 519 -39.58 -8.41 -11.25
C LYS A 519 -39.32 -9.89 -10.99
N TYR A 520 -39.54 -10.35 -9.76
CA TYR A 520 -39.20 -11.72 -9.41
C TYR A 520 -40.00 -12.73 -10.22
N PHE A 521 -41.32 -12.53 -10.33
CA PHE A 521 -42.15 -13.49 -11.04
C PHE A 521 -41.93 -13.43 -12.55
N SER A 522 -41.58 -12.27 -13.08
CA SER A 522 -41.16 -12.18 -14.47
C SER A 522 -39.86 -12.94 -14.69
N PHE A 523 -38.95 -12.89 -13.71
CA PHE A 523 -37.70 -13.64 -13.80
C PHE A 523 -37.97 -15.14 -13.79
N VAL A 524 -38.94 -15.58 -12.99
CA VAL A 524 -39.28 -17.01 -12.92
C VAL A 524 -39.78 -17.49 -14.28
N GLU A 525 -40.64 -16.70 -14.93
CA GLU A 525 -41.15 -17.09 -16.24
C GLU A 525 -40.04 -17.18 -17.27
N LYS A 526 -39.07 -16.26 -17.21
CA LYS A 526 -37.94 -16.31 -18.13
C LYS A 526 -37.09 -17.55 -17.90
N LEU A 527 -36.82 -17.87 -16.63
CA LEU A 527 -36.08 -19.09 -16.32
C LEU A 527 -36.86 -20.33 -16.72
N TYR A 528 -38.17 -20.33 -16.49
CA TYR A 528 -39.00 -21.46 -16.85
C TYR A 528 -39.00 -21.69 -18.35
N SER A 529 -39.15 -20.62 -19.14
CA SER A 529 -39.17 -20.76 -20.59
C SER A 529 -37.83 -21.24 -21.13
N LEU A 530 -36.73 -20.85 -20.48
CA LEU A 530 -35.41 -21.27 -20.93
C LEU A 530 -35.11 -22.71 -20.57
N ARG A 531 -35.73 -23.23 -19.51
CA ARG A 531 -35.33 -24.51 -18.94
C ARG A 531 -36.48 -25.51 -18.79
N GLN A 532 -37.63 -25.25 -19.42
CA GLN A 532 -38.78 -26.14 -19.24
C GLN A 532 -38.55 -27.50 -19.88
N ARG A 533 -37.82 -27.56 -20.99
CA ARG A 533 -37.47 -28.82 -21.64
C ARG A 533 -36.08 -29.30 -21.25
N LYS A 534 -35.52 -28.75 -20.16
CA LYS A 534 -34.23 -29.18 -19.65
C LYS A 534 -34.33 -29.70 -18.22
N GLY A 535 -35.53 -30.10 -17.80
CA GLY A 535 -35.73 -30.69 -16.50
C GLY A 535 -36.21 -29.78 -15.40
N ILE A 536 -36.59 -28.54 -15.72
CA ILE A 536 -37.04 -27.57 -14.73
C ILE A 536 -38.52 -27.30 -14.97
N ASN A 537 -39.32 -27.46 -13.92
CA ASN A 537 -40.73 -27.13 -13.95
C ASN A 537 -40.96 -25.79 -13.26
N LEU A 538 -42.23 -25.38 -13.19
CA LEU A 538 -42.56 -24.09 -12.61
C LEU A 538 -42.21 -24.04 -11.13
N GLY A 539 -42.47 -25.13 -10.40
CA GLY A 539 -42.10 -25.18 -9.00
C GLY A 539 -40.60 -25.15 -8.79
N GLU A 540 -39.85 -25.86 -9.64
CA GLU A 540 -38.40 -25.83 -9.55
C GLU A 540 -37.84 -24.47 -9.94
N ALA A 541 -38.44 -23.83 -10.96
CA ALA A 541 -37.97 -22.51 -11.38
C ALA A 541 -38.17 -21.48 -10.28
N GLU A 542 -39.31 -21.54 -9.58
CA GLU A 542 -39.54 -20.62 -8.47
C GLU A 542 -38.53 -20.83 -7.36
N ARG A 543 -38.20 -22.08 -7.05
CA ARG A 543 -37.21 -22.37 -6.02
C ARG A 543 -35.82 -21.89 -6.43
N LEU A 544 -35.46 -22.10 -7.70
CA LEU A 544 -34.15 -21.65 -8.18
C LEU A 544 -34.06 -20.13 -8.18
N MET A 545 -35.12 -19.44 -8.60
CA MET A 545 -35.10 -17.98 -8.65
C MET A 545 -35.00 -17.35 -7.27
N ALA A 546 -35.38 -18.08 -6.22
CA ALA A 546 -35.20 -17.56 -4.86
C ALA A 546 -33.73 -17.60 -4.45
N ASP A 547 -32.95 -18.50 -5.03
CA ASP A 547 -31.52 -18.55 -4.74
C ASP A 547 -30.84 -17.33 -5.33
N PRO A 548 -30.03 -16.61 -4.54
CA PRO A 548 -29.42 -15.37 -5.06
C PRO A 548 -28.52 -15.58 -6.27
N ASN A 549 -27.83 -16.73 -6.37
CA ASN A 549 -26.94 -16.97 -7.50
C ASN A 549 -27.72 -17.00 -8.81
N TYR A 550 -28.88 -17.66 -8.81
CA TYR A 550 -29.71 -17.69 -10.01
C TYR A 550 -30.36 -16.34 -10.25
N PHE A 551 -30.80 -15.66 -9.19
CA PHE A 551 -31.43 -14.36 -9.35
C PHE A 551 -30.45 -13.34 -9.91
N ALA A 552 -29.22 -13.33 -9.40
CA ALA A 552 -28.22 -12.38 -9.88
C ALA A 552 -27.89 -12.63 -11.35
N ALA A 553 -27.82 -13.89 -11.75
CA ALA A 553 -27.55 -14.20 -13.16
C ALA A 553 -28.66 -13.71 -14.06
N MET A 554 -29.91 -13.75 -13.59
CA MET A 554 -31.02 -13.29 -14.41
C MET A 554 -31.10 -11.77 -14.43
N MET A 555 -30.68 -11.09 -13.37
CA MET A 555 -30.57 -9.63 -13.42
C MET A 555 -29.58 -9.19 -14.49
N VAL A 556 -28.42 -9.85 -14.56
CA VAL A 556 -27.44 -9.54 -15.59
C VAL A 556 -27.97 -9.92 -16.96
N ASN A 557 -28.61 -11.08 -17.06
CA ASN A 557 -29.15 -11.53 -18.35
C ASN A 557 -30.27 -10.62 -18.83
N MET A 558 -31.17 -10.21 -17.93
CA MET A 558 -32.29 -9.37 -18.33
C MET A 558 -31.86 -7.92 -18.56
N GLY A 559 -31.01 -7.37 -17.70
CA GLY A 559 -30.56 -6.01 -17.88
C GLY A 559 -30.57 -5.17 -16.62
N GLU A 560 -31.05 -5.74 -15.51
CA GLU A 560 -31.05 -5.01 -14.24
C GLU A 560 -29.65 -4.80 -13.69
N ALA A 561 -28.66 -5.53 -14.19
CA ALA A 561 -27.27 -5.34 -13.79
C ALA A 561 -26.38 -5.58 -15.00
N ASP A 562 -25.18 -5.00 -14.95
CA ASP A 562 -24.23 -5.17 -16.04
C ASP A 562 -23.31 -6.37 -15.81
N GLY A 563 -23.11 -6.77 -14.57
CA GLY A 563 -22.26 -7.90 -14.27
C GLY A 563 -22.58 -8.46 -12.91
N MET A 564 -21.97 -9.61 -12.61
CA MET A 564 -22.14 -10.25 -11.32
C MET A 564 -20.81 -10.87 -10.89
N VAL A 565 -20.62 -10.93 -9.58
CA VAL A 565 -19.44 -11.56 -8.98
C VAL A 565 -19.94 -12.47 -7.87
N SER A 566 -19.64 -13.76 -7.97
CA SER A 566 -20.11 -14.75 -7.00
C SER A 566 -19.03 -15.79 -6.78
N GLY A 567 -19.37 -16.83 -6.01
CA GLY A 567 -18.50 -17.95 -5.78
C GLY A 567 -17.64 -17.87 -4.54
N SER A 568 -17.81 -16.85 -3.71
CA SER A 568 -17.01 -16.71 -2.50
C SER A 568 -17.43 -17.67 -1.40
N SER A 569 -18.63 -18.22 -1.47
CA SER A 569 -19.16 -19.09 -0.42
C SER A 569 -19.47 -20.51 -0.90
N ILE A 570 -19.27 -20.80 -2.19
CA ILE A 570 -19.56 -22.11 -2.75
C ILE A 570 -18.40 -22.53 -3.63
N ASN A 571 -18.47 -23.78 -4.10
CA ASN A 571 -17.44 -24.30 -4.99
C ASN A 571 -17.55 -23.65 -6.37
N TYR A 572 -16.47 -23.77 -7.13
CA TYR A 572 -16.44 -23.18 -8.47
C TYR A 572 -17.49 -23.79 -9.38
N ALA A 573 -17.64 -25.11 -9.33
CA ALA A 573 -18.62 -25.78 -10.19
C ALA A 573 -20.05 -25.37 -9.84
N ASP A 574 -20.35 -25.26 -8.54
CA ASP A 574 -21.70 -24.88 -8.13
C ASP A 574 -22.01 -23.42 -8.42
N ALA A 575 -20.99 -22.57 -8.52
CA ALA A 575 -21.22 -21.15 -8.80
C ALA A 575 -21.25 -20.86 -10.29
N VAL A 576 -20.49 -21.62 -11.09
CA VAL A 576 -20.49 -21.42 -12.54
C VAL A 576 -21.81 -21.89 -13.15
N ARG A 577 -22.40 -22.94 -12.57
CA ARG A 577 -23.60 -23.56 -13.16
C ARG A 577 -24.76 -22.59 -13.35
N PRO A 578 -25.16 -21.77 -12.37
CA PRO A 578 -26.23 -20.79 -12.66
C PRO A 578 -25.86 -19.83 -13.77
N ILE A 579 -24.59 -19.44 -13.87
CA ILE A 579 -24.16 -18.51 -14.90
C ILE A 579 -24.29 -19.14 -16.28
N LEU A 580 -23.94 -20.43 -16.39
CA LEU A 580 -24.01 -21.11 -17.68
C LEU A 580 -25.44 -21.42 -18.08
N GLN A 581 -26.35 -21.56 -17.12
CA GLN A 581 -27.73 -21.90 -17.44
C GLN A 581 -28.58 -20.67 -17.70
N THR A 582 -28.47 -19.65 -16.84
CA THR A 582 -29.24 -18.43 -17.06
C THR A 582 -28.64 -17.60 -18.17
N ILE A 583 -27.43 -17.08 -17.96
CA ILE A 583 -26.67 -16.52 -19.06
C ILE A 583 -26.11 -17.66 -19.91
N GLY A 584 -25.75 -17.34 -21.14
CA GLY A 584 -25.20 -18.37 -21.99
C GLY A 584 -23.81 -18.04 -22.47
N THR A 585 -23.41 -18.69 -23.55
CA THR A 585 -22.21 -18.32 -24.27
C THR A 585 -22.60 -17.61 -25.57
N TYR A 586 -21.62 -17.01 -26.22
CA TYR A 586 -21.86 -16.29 -27.46
C TYR A 586 -21.98 -17.29 -28.61
N LYS A 587 -21.91 -16.80 -29.84
CA LYS A 587 -22.16 -17.61 -31.02
C LYS A 587 -21.33 -18.89 -31.01
N GLU A 588 -20.03 -18.77 -30.73
CA GLU A 588 -19.16 -19.92 -30.61
C GLU A 588 -18.39 -19.96 -29.30
N GLY A 589 -18.68 -19.06 -28.36
CA GLY A 589 -17.89 -18.97 -27.16
C GLY A 589 -17.99 -20.20 -26.29
N ILE A 590 -16.96 -20.38 -25.46
CA ILE A 590 -16.88 -21.50 -24.53
C ILE A 590 -16.37 -20.96 -23.20
N PRO A 591 -17.00 -21.31 -22.08
CA PRO A 591 -16.51 -20.80 -20.78
C PRO A 591 -15.09 -21.28 -20.51
N ALA A 592 -14.28 -20.36 -19.97
CA ALA A 592 -12.88 -20.66 -19.74
C ALA A 592 -12.33 -19.71 -18.69
N GLY A 593 -11.48 -20.24 -17.81
CA GLY A 593 -10.79 -19.40 -16.84
C GLY A 593 -9.53 -18.80 -17.44
N LEU A 594 -9.22 -17.58 -17.00
CA LEU A 594 -8.11 -16.82 -17.55
C LEU A 594 -7.28 -16.23 -16.40
N ASN A 595 -5.97 -16.40 -16.49
CA ASN A 595 -5.05 -15.88 -15.49
C ASN A 595 -4.05 -14.94 -16.13
N PHE A 596 -3.68 -13.89 -15.39
CA PHE A 596 -2.65 -12.95 -15.82
C PHE A 596 -1.39 -13.20 -14.99
N VAL A 597 -0.29 -13.49 -15.66
CA VAL A 597 1.01 -13.60 -15.03
C VAL A 597 1.71 -12.26 -15.23
N LEU A 598 1.80 -11.47 -14.17
CA LEU A 598 2.30 -10.10 -14.27
C LEU A 598 3.80 -10.09 -13.98
N LEU A 599 4.59 -9.85 -15.01
CA LEU A 599 6.04 -9.70 -14.87
C LEU A 599 6.39 -8.22 -14.80
N GLU A 600 7.68 -7.95 -14.57
CA GLU A 600 8.12 -6.56 -14.47
C GLU A 600 7.95 -5.83 -15.78
N ASP A 601 8.27 -6.48 -16.90
CA ASP A 601 8.23 -5.83 -18.21
C ASP A 601 6.91 -6.05 -18.92
N LYS A 602 6.39 -7.29 -18.91
CA LYS A 602 5.19 -7.63 -19.65
C LYS A 602 4.23 -8.42 -18.79
N PHE A 603 3.13 -8.89 -19.37
CA PHE A 603 2.23 -9.82 -18.70
C PHE A 603 1.89 -10.96 -19.64
N LEU A 604 1.61 -12.12 -19.04
CA LEU A 604 1.24 -13.32 -19.77
C LEU A 604 -0.20 -13.70 -19.43
N VAL A 605 -0.88 -14.28 -20.41
CA VAL A 605 -2.27 -14.73 -20.24
C VAL A 605 -2.29 -16.25 -20.35
N LEU A 606 -2.91 -16.88 -19.36
CA LEU A 606 -2.99 -18.34 -19.26
C LEU A 606 -4.44 -18.77 -19.36
N ALA A 607 -4.71 -19.76 -20.21
CA ALA A 607 -6.05 -20.28 -20.41
C ALA A 607 -5.96 -21.66 -21.03
N ASP A 608 -6.91 -22.54 -20.68
CA ASP A 608 -7.97 -22.28 -19.71
C ASP A 608 -7.62 -22.98 -18.40
N THR A 609 -7.75 -22.24 -17.29
CA THR A 609 -7.19 -22.69 -16.02
C THR A 609 -8.21 -23.31 -15.07
N THR A 610 -9.51 -23.20 -15.33
CA THR A 610 -10.48 -23.68 -14.35
C THR A 610 -11.63 -24.51 -14.90
N VAL A 611 -11.99 -24.43 -16.17
CA VAL A 611 -13.27 -24.95 -16.66
C VAL A 611 -13.10 -26.28 -17.40
N ASN A 612 -12.38 -26.26 -18.53
CA ASN A 612 -12.38 -27.37 -19.47
C ASN A 612 -11.31 -28.39 -19.09
N PHE A 613 -11.74 -29.62 -18.82
CA PHE A 613 -10.82 -30.67 -18.40
C PHE A 613 -9.89 -31.07 -19.54
N ASN A 614 -10.45 -31.34 -20.73
CA ASN A 614 -9.66 -31.75 -21.89
C ASN A 614 -10.29 -31.15 -23.13
N PRO A 615 -10.00 -29.89 -23.42
CA PRO A 615 -10.59 -29.25 -24.60
C PRO A 615 -10.10 -29.89 -25.88
N SER A 616 -10.95 -29.85 -26.90
CA SER A 616 -10.60 -30.37 -28.21
C SER A 616 -9.85 -29.30 -29.00
N ALA A 617 -9.45 -29.65 -30.23
CA ALA A 617 -8.75 -28.68 -31.08
C ALA A 617 -9.63 -27.48 -31.39
N GLU A 618 -10.93 -27.72 -31.66
CA GLU A 618 -11.84 -26.63 -31.92
C GLU A 618 -12.07 -25.78 -30.67
N GLN A 619 -12.19 -26.42 -29.51
CA GLN A 619 -12.37 -25.67 -28.26
C GLN A 619 -11.11 -24.92 -27.88
N CYS A 620 -9.94 -25.53 -28.09
CA CYS A 620 -8.68 -24.86 -27.79
C CYS A 620 -8.51 -23.62 -28.64
N ALA A 621 -8.89 -23.69 -29.92
CA ALA A 621 -8.84 -22.50 -30.78
C ALA A 621 -9.79 -21.43 -30.29
N GLN A 622 -10.98 -21.82 -29.83
CA GLN A 622 -11.92 -20.85 -29.29
C GLN A 622 -11.39 -20.23 -28.01
N ILE A 623 -10.77 -21.03 -27.15
CA ILE A 623 -10.16 -20.50 -25.93
C ILE A 623 -9.09 -19.47 -26.26
N ALA A 624 -8.29 -19.75 -27.28
CA ALA A 624 -7.25 -18.80 -27.70
C ALA A 624 -7.85 -17.50 -28.18
N LEU A 625 -8.95 -17.56 -28.94
CA LEU A 625 -9.57 -16.34 -29.45
C LEU A 625 -10.13 -15.48 -28.32
N GLN A 626 -10.77 -16.12 -27.34
CA GLN A 626 -11.30 -15.36 -26.20
C GLN A 626 -10.17 -14.72 -25.40
N ALA A 627 -9.07 -15.45 -25.19
CA ALA A 627 -7.95 -14.90 -24.45
C ALA A 627 -7.24 -13.81 -25.25
N ALA A 628 -7.23 -13.94 -26.58
CA ALA A 628 -6.62 -12.91 -27.43
C ALA A 628 -7.39 -11.60 -27.35
N LYS A 629 -8.73 -11.69 -27.29
CA LYS A 629 -9.54 -10.48 -27.17
C LYS A 629 -9.28 -9.76 -25.86
N ILE A 630 -9.10 -10.52 -24.77
CA ILE A 630 -8.82 -9.91 -23.47
C ILE A 630 -7.50 -9.14 -23.52
N VAL A 631 -6.50 -9.70 -24.20
CA VAL A 631 -5.22 -9.01 -24.35
C VAL A 631 -5.42 -7.74 -25.17
N GLU A 632 -6.26 -7.79 -26.20
CA GLU A 632 -6.53 -6.63 -27.02
C GLU A 632 -7.30 -5.54 -26.26
N TYR A 633 -7.87 -5.87 -25.10
CA TYR A 633 -8.53 -4.86 -24.28
C TYR A 633 -7.53 -3.80 -23.84
N PHE A 634 -6.31 -4.21 -23.53
CA PHE A 634 -5.29 -3.35 -22.95
C PHE A 634 -4.39 -2.72 -24.00
N GLY A 635 -4.66 -2.92 -25.28
CA GLY A 635 -3.84 -2.35 -26.33
C GLY A 635 -2.59 -3.13 -26.67
N ILE A 636 -2.46 -4.35 -26.16
CA ILE A 636 -1.30 -5.20 -26.44
C ILE A 636 -1.64 -6.10 -27.61
N GLU A 637 -0.67 -6.33 -28.49
CA GLU A 637 -0.86 -7.24 -29.60
C GLU A 637 -0.78 -8.68 -29.10
N PRO A 638 -1.82 -9.48 -29.28
CA PRO A 638 -1.80 -10.86 -28.75
C PRO A 638 -1.02 -11.79 -29.65
N ARG A 639 -0.10 -12.56 -29.05
CA ARG A 639 0.69 -13.57 -29.75
C ARG A 639 0.44 -14.89 -29.04
N VAL A 640 -0.23 -15.81 -29.73
CA VAL A 640 -0.78 -17.01 -29.12
C VAL A 640 0.11 -18.21 -29.43
N ALA A 641 0.34 -19.05 -28.42
CA ALA A 641 1.08 -20.29 -28.58
C ALA A 641 0.28 -21.44 -28.00
N MET A 642 0.09 -22.49 -28.79
CA MET A 642 -0.48 -23.74 -28.31
C MET A 642 0.60 -24.57 -27.63
N LEU A 643 0.41 -24.87 -26.36
CA LEU A 643 1.46 -25.51 -25.56
C LEU A 643 1.35 -27.03 -25.65
N SER A 644 2.50 -27.68 -25.73
CA SER A 644 2.60 -29.13 -25.77
C SER A 644 3.89 -29.54 -25.08
N TYR A 645 4.12 -30.84 -24.99
CA TYR A 645 5.39 -31.37 -24.51
C TYR A 645 6.40 -31.56 -25.62
N SER A 646 6.06 -31.19 -26.84
CA SER A 646 6.92 -31.37 -28.01
C SER A 646 6.99 -30.07 -28.79
N ASN A 647 7.98 -29.98 -29.66
CA ASN A 647 8.24 -28.79 -30.48
C ASN A 647 7.97 -29.13 -31.95
N PHE A 648 6.80 -28.75 -32.43
CA PHE A 648 6.42 -28.88 -33.84
C PHE A 648 6.64 -30.31 -34.35
N SER A 649 5.96 -31.25 -33.70
CA SER A 649 6.02 -32.64 -34.12
C SER A 649 4.71 -33.16 -34.71
N GLY A 650 3.56 -32.71 -34.20
CA GLY A 650 2.30 -33.19 -34.71
C GLY A 650 2.03 -34.64 -34.46
N ALA A 651 2.69 -35.25 -33.48
CA ALA A 651 2.51 -36.65 -33.20
C ALA A 651 1.12 -36.91 -32.62
N GLU A 652 0.73 -38.18 -32.61
CA GLU A 652 -0.60 -38.55 -32.16
C GLU A 652 -0.83 -38.14 -30.71
N GLY A 653 -1.99 -37.56 -30.44
CA GLY A 653 -2.33 -37.13 -29.10
C GLY A 653 -2.34 -35.63 -28.93
N THR A 654 -1.70 -35.15 -27.87
CA THR A 654 -1.63 -33.71 -27.62
C THR A 654 -0.94 -32.93 -28.73
N PRO A 655 0.22 -33.34 -29.25
CA PRO A 655 0.86 -32.52 -30.30
C PRO A 655 0.00 -32.35 -31.54
N ARG A 656 -0.72 -33.39 -31.95
CA ARG A 656 -1.61 -33.27 -33.11
C ARG A 656 -2.78 -32.35 -32.81
N LYS A 657 -3.34 -32.46 -31.60
CA LYS A 657 -4.47 -31.61 -31.22
C LYS A 657 -4.05 -30.14 -31.14
N MET A 658 -2.87 -29.86 -30.60
CA MET A 658 -2.44 -28.47 -30.46
C MET A 658 -1.99 -27.89 -31.79
N LYS A 659 -1.39 -28.73 -32.65
CA LYS A 659 -1.07 -28.29 -34.00
C LYS A 659 -2.33 -27.95 -34.79
N LYS A 660 -3.37 -28.79 -34.66
CA LYS A 660 -4.63 -28.53 -35.34
C LYS A 660 -5.34 -27.32 -34.75
N ALA A 661 -5.22 -27.12 -33.44
CA ALA A 661 -5.86 -25.99 -32.78
C ALA A 661 -5.33 -24.66 -33.32
N ALA A 662 -4.02 -24.59 -33.58
CA ALA A 662 -3.44 -23.37 -34.13
C ALA A 662 -3.93 -23.12 -35.56
N GLU A 663 -4.08 -24.19 -36.34
CA GLU A 663 -4.59 -24.05 -37.71
C GLU A 663 -6.02 -23.50 -37.72
N ILE A 664 -6.86 -24.01 -36.82
CA ILE A 664 -8.24 -23.54 -36.73
C ILE A 664 -8.27 -22.08 -36.30
N ALA A 665 -7.46 -21.73 -35.29
CA ALA A 665 -7.47 -20.37 -34.77
C ALA A 665 -6.96 -19.38 -35.81
N ARG A 666 -5.94 -19.76 -36.57
CA ARG A 666 -5.42 -18.88 -37.62
C ARG A 666 -6.45 -18.64 -38.71
N THR A 667 -7.26 -19.66 -39.01
CA THR A 667 -8.34 -19.47 -39.98
C THR A 667 -9.36 -18.46 -39.49
N LEU A 668 -9.75 -18.55 -38.21
CA LEU A 668 -10.78 -17.67 -37.68
C LEU A 668 -10.30 -16.21 -37.58
N ARG A 669 -9.05 -16.00 -37.15
CA ARG A 669 -8.47 -14.67 -37.03
C ARG A 669 -7.13 -14.64 -37.73
N PRO A 670 -7.12 -14.39 -39.04
CA PRO A 670 -5.87 -14.45 -39.81
C PRO A 670 -4.91 -13.29 -39.57
N ASP A 671 -5.27 -12.32 -38.74
CA ASP A 671 -4.41 -11.17 -38.47
C ASP A 671 -3.62 -11.30 -37.17
N LEU A 672 -3.62 -12.49 -36.57
CA LEU A 672 -2.97 -12.71 -35.28
C LEU A 672 -1.83 -13.71 -35.42
N MET A 673 -0.90 -13.64 -34.46
CA MET A 673 0.25 -14.55 -34.39
C MET A 673 -0.16 -15.76 -33.56
N ILE A 674 -0.58 -16.83 -34.24
CA ILE A 674 -0.98 -18.07 -33.59
C ILE A 674 -0.11 -19.19 -34.14
N GLU A 675 0.52 -19.95 -33.24
CA GLU A 675 1.43 -21.00 -33.65
C GLU A 675 1.41 -22.12 -32.62
N GLY A 676 1.77 -23.31 -33.08
CA GLY A 676 1.81 -24.50 -32.25
C GLY A 676 1.97 -25.74 -33.10
N ASP A 677 2.36 -26.87 -32.51
CA ASP A 677 2.59 -27.00 -31.08
C ASP A 677 4.05 -26.71 -30.69
N MET A 678 4.25 -26.16 -29.51
CA MET A 678 5.58 -25.86 -29.00
C MET A 678 5.67 -26.28 -27.53
N GLN A 679 6.85 -26.13 -26.97
CA GLN A 679 7.06 -26.28 -25.54
C GLN A 679 6.96 -24.91 -24.87
N ALA A 680 6.87 -24.94 -23.54
CA ALA A 680 6.65 -23.69 -22.79
C ALA A 680 7.82 -22.72 -22.95
N ASP A 681 9.05 -23.24 -22.92
CA ASP A 681 10.21 -22.36 -23.06
C ASP A 681 10.33 -21.81 -24.48
N THR A 682 9.94 -22.60 -25.47
CA THR A 682 9.94 -22.13 -26.85
C THR A 682 8.93 -21.00 -27.04
N ALA A 683 7.77 -21.10 -26.38
CA ALA A 683 6.72 -20.11 -26.55
C ALA A 683 7.10 -18.76 -25.95
N VAL A 684 7.71 -18.76 -24.76
CA VAL A 684 7.95 -17.52 -24.04
C VAL A 684 9.31 -16.89 -24.32
N ASN A 685 10.29 -17.66 -24.79
CA ASN A 685 11.61 -17.13 -25.04
C ASN A 685 11.77 -16.83 -26.52
N PRO A 686 11.85 -15.56 -26.93
CA PRO A 686 12.06 -15.26 -28.35
C PRO A 686 13.38 -15.76 -28.89
N GLU A 687 14.43 -15.82 -28.06
CA GLU A 687 15.73 -16.27 -28.54
C GLU A 687 15.70 -17.75 -28.93
N ILE A 688 14.99 -18.57 -28.15
CA ILE A 688 14.87 -19.99 -28.47
C ILE A 688 14.15 -20.17 -29.80
N MET A 689 13.08 -19.41 -30.02
CA MET A 689 12.30 -19.54 -31.25
C MET A 689 13.14 -19.19 -32.47
N GLU A 690 13.87 -18.07 -32.42
CA GLU A 690 14.65 -17.65 -33.58
C GLU A 690 15.81 -18.61 -33.83
N ARG A 691 16.43 -19.12 -32.76
CA ARG A 691 17.60 -19.98 -32.92
C ARG A 691 17.22 -21.35 -33.46
N LEU A 692 16.10 -21.92 -33.00
CA LEU A 692 15.76 -23.31 -33.30
C LEU A 692 14.63 -23.47 -34.29
N PHE A 693 13.66 -22.56 -34.33
CA PHE A 693 12.51 -22.68 -35.22
C PHE A 693 12.27 -21.36 -35.94
N PRO A 694 13.15 -20.98 -36.86
CA PRO A 694 12.97 -19.71 -37.59
C PRO A 694 11.76 -19.69 -38.51
N PHE A 695 11.19 -20.86 -38.83
CA PHE A 695 10.01 -20.93 -39.69
C PHE A 695 8.72 -20.54 -38.98
N SER A 696 8.74 -20.41 -37.65
CA SER A 696 7.53 -20.15 -36.91
C SER A 696 7.00 -18.74 -37.20
N GLY A 697 5.67 -18.62 -37.27
CA GLY A 697 5.04 -17.33 -37.44
C GLY A 697 4.94 -16.49 -36.19
N LEU A 698 5.31 -17.05 -35.04
CA LEU A 698 5.31 -16.33 -33.78
C LEU A 698 6.70 -15.73 -33.56
N LYS A 699 6.76 -14.40 -33.54
CA LYS A 699 8.00 -13.68 -33.32
C LYS A 699 7.85 -12.73 -32.15
N GLY A 700 8.91 -12.57 -31.37
CA GLY A 700 8.90 -11.69 -30.22
C GLY A 700 8.43 -12.31 -28.93
N GLY A 701 8.03 -13.58 -28.94
CA GLY A 701 7.56 -14.24 -27.74
C GLY A 701 6.05 -14.22 -27.61
N ALA A 702 5.50 -15.29 -27.03
CA ALA A 702 4.06 -15.36 -26.85
C ALA A 702 3.63 -14.68 -25.56
N ASN A 703 2.51 -13.98 -25.62
CA ASN A 703 1.87 -13.42 -24.42
C ASN A 703 0.56 -14.10 -24.08
N VAL A 704 0.03 -14.94 -24.96
CA VAL A 704 -1.16 -15.74 -24.70
C VAL A 704 -0.75 -17.20 -24.77
N LEU A 705 -1.02 -17.94 -23.70
CA LEU A 705 -0.61 -19.34 -23.58
C LEU A 705 -1.85 -20.21 -23.45
N VAL A 706 -2.03 -21.15 -24.36
CA VAL A 706 -3.16 -22.07 -24.35
C VAL A 706 -2.66 -23.46 -24.03
N PHE A 707 -3.25 -24.09 -23.03
CA PHE A 707 -2.83 -25.38 -22.53
C PHE A 707 -3.68 -26.51 -23.09
N PRO A 708 -3.10 -27.71 -23.23
CA PRO A 708 -3.89 -28.81 -23.80
C PRO A 708 -5.01 -29.31 -22.90
N ASN A 709 -4.80 -29.34 -21.59
CA ASN A 709 -5.79 -29.85 -20.66
C ASN A 709 -5.76 -29.02 -19.39
N LEU A 710 -6.68 -29.33 -18.47
CA LEU A 710 -6.79 -28.58 -17.23
C LEU A 710 -5.67 -28.92 -16.25
N GLU A 711 -5.14 -30.14 -16.31
CA GLU A 711 -4.07 -30.51 -15.39
C GLU A 711 -2.83 -29.65 -15.60
N SER A 712 -2.47 -29.38 -16.85
CA SER A 712 -1.28 -28.59 -17.12
C SER A 712 -1.51 -27.13 -16.77
N SER A 713 -2.67 -26.58 -17.13
CA SER A 713 -2.92 -25.16 -16.91
C SER A 713 -3.07 -24.84 -15.43
N ASN A 714 -3.77 -25.69 -14.68
CA ASN A 714 -3.98 -25.44 -13.27
C ASN A 714 -2.67 -25.58 -12.48
N ILE A 715 -1.91 -26.63 -12.77
CA ILE A 715 -0.65 -26.87 -12.04
C ILE A 715 0.35 -25.77 -12.35
N ALA A 716 0.43 -25.34 -13.61
CA ALA A 716 1.43 -24.36 -14.01
C ALA A 716 1.24 -23.03 -13.29
N TYR A 717 0.01 -22.52 -13.29
CA TYR A 717 -0.21 -21.18 -12.74
C TYR A 717 -0.13 -21.19 -11.21
N LYS A 718 -0.45 -22.33 -10.59
CA LYS A 718 -0.26 -22.45 -9.14
C LYS A 718 1.20 -22.66 -8.78
N LEU A 719 1.98 -23.29 -9.65
CA LEU A 719 3.41 -23.43 -9.40
C LEU A 719 4.15 -22.12 -9.65
N ILE A 720 3.73 -21.36 -10.67
CA ILE A 720 4.32 -20.05 -10.90
C ILE A 720 4.06 -19.13 -9.71
N GLN A 721 2.84 -19.18 -9.18
CA GLN A 721 2.49 -18.33 -8.06
C GLN A 721 3.29 -18.68 -6.81
N GLN A 722 3.56 -19.98 -6.59
CA GLN A 722 4.23 -20.43 -5.39
C GLN A 722 5.75 -20.48 -5.57
N ILE A 723 6.22 -21.24 -6.56
CA ILE A 723 7.66 -21.43 -6.74
C ILE A 723 8.27 -20.24 -7.48
N GLY A 724 7.64 -19.81 -8.57
CA GLY A 724 8.20 -18.73 -9.38
C GLY A 724 8.16 -17.38 -8.70
N LYS A 725 7.32 -17.22 -7.69
CA LYS A 725 7.18 -15.97 -6.95
C LYS A 725 6.87 -14.80 -7.88
N ALA A 726 6.02 -15.05 -8.86
CA ALA A 726 5.55 -14.03 -9.79
C ALA A 726 4.09 -13.69 -9.46
N GLU A 727 3.72 -12.45 -9.77
CA GLU A 727 2.35 -12.01 -9.50
C GLU A 727 1.40 -12.62 -10.51
N VAL A 728 0.44 -13.40 -10.03
CA VAL A 728 -0.60 -14.00 -10.85
C VAL A 728 -1.94 -13.58 -10.29
N ILE A 729 -2.80 -13.02 -11.15
CA ILE A 729 -4.12 -12.58 -10.76
C ILE A 729 -5.15 -13.32 -11.60
N GLY A 730 -6.25 -13.71 -10.97
CA GLY A 730 -7.27 -14.50 -11.61
C GLY A 730 -7.70 -15.66 -10.72
N PRO A 731 -8.43 -16.62 -11.28
CA PRO A 731 -8.89 -16.73 -12.68
C PRO A 731 -10.06 -15.81 -12.99
N PHE A 732 -10.19 -15.37 -14.23
CA PHE A 732 -11.29 -14.55 -14.69
C PHE A 732 -12.07 -15.31 -15.77
N LEU A 733 -13.38 -15.39 -15.59
CA LEU A 733 -14.22 -16.15 -16.50
C LEU A 733 -14.39 -15.42 -17.82
N THR A 734 -14.26 -16.16 -18.91
CA THR A 734 -14.40 -15.61 -20.25
C THR A 734 -15.32 -16.53 -21.07
N GLY A 735 -15.77 -16.01 -22.21
CA GLY A 735 -16.61 -16.76 -23.11
C GLY A 735 -18.08 -16.76 -22.80
N VAL A 736 -18.53 -15.99 -21.82
CA VAL A 736 -19.93 -15.92 -21.45
C VAL A 736 -20.57 -14.72 -22.14
N ARG A 737 -21.88 -14.81 -22.36
CA ARG A 737 -22.59 -13.79 -23.12
C ARG A 737 -22.53 -12.44 -22.44
N ARG A 738 -22.76 -12.41 -21.13
CA ARG A 738 -22.70 -11.19 -20.34
C ARG A 738 -21.53 -11.27 -19.37
N SER A 739 -21.24 -10.14 -18.73
CA SER A 739 -20.13 -10.07 -17.80
C SER A 739 -20.48 -10.82 -16.51
N ALA A 740 -19.69 -11.82 -16.17
CA ALA A 740 -19.91 -12.61 -14.97
C ALA A 740 -18.58 -13.21 -14.55
N ASN A 741 -18.29 -13.16 -13.25
CA ASN A 741 -17.04 -13.68 -12.71
C ASN A 741 -17.33 -14.50 -11.48
N VAL A 742 -16.52 -15.55 -11.27
CA VAL A 742 -16.69 -16.47 -10.17
C VAL A 742 -15.46 -16.40 -9.27
N LEU A 743 -15.68 -16.15 -7.99
CA LEU A 743 -14.59 -16.13 -7.02
C LEU A 743 -14.29 -17.54 -6.55
N GLN A 744 -13.32 -17.65 -5.64
CA GLN A 744 -13.01 -18.88 -4.96
C GLN A 744 -13.17 -18.68 -3.46
N ARG A 745 -13.38 -19.78 -2.74
CA ARG A 745 -13.56 -19.70 -1.29
C ARG A 745 -12.30 -19.17 -0.61
N THR A 746 -11.14 -19.37 -1.24
CA THR A 746 -9.86 -18.94 -0.68
C THR A 746 -9.42 -17.56 -1.18
N THR A 747 -10.25 -16.90 -1.99
CA THR A 747 -9.89 -15.58 -2.51
C THR A 747 -9.84 -14.55 -1.38
N THR A 748 -8.80 -13.74 -1.39
CA THR A 748 -8.69 -12.63 -0.45
C THR A 748 -9.51 -11.44 -0.94
N VAL A 749 -9.65 -10.43 -0.07
CA VAL A 749 -10.43 -9.26 -0.46
C VAL A 749 -9.72 -8.50 -1.57
N ASP A 750 -8.40 -8.62 -1.66
CA ASP A 750 -7.68 -8.01 -2.78
C ASP A 750 -7.98 -8.73 -4.09
N GLY A 751 -8.09 -10.06 -4.05
CA GLY A 751 -8.49 -10.80 -5.23
C GLY A 751 -9.91 -10.49 -5.66
N ILE A 752 -10.80 -10.24 -4.70
CA ILE A 752 -12.17 -9.84 -5.01
C ILE A 752 -12.18 -8.47 -5.68
N VAL A 753 -11.30 -7.57 -5.23
CA VAL A 753 -11.20 -6.25 -5.86
C VAL A 753 -10.77 -6.37 -7.31
N ASN A 754 -9.78 -7.23 -7.58
CA ASN A 754 -9.33 -7.44 -8.95
C ASN A 754 -10.44 -8.06 -9.80
N SER A 755 -11.20 -9.00 -9.22
CA SER A 755 -12.28 -9.65 -9.95
C SER A 755 -13.38 -8.65 -10.31
N VAL A 756 -13.71 -7.75 -9.39
CA VAL A 756 -14.75 -6.75 -9.68
C VAL A 756 -14.26 -5.76 -10.73
N VAL A 757 -12.98 -5.39 -10.68
CA VAL A 757 -12.42 -4.49 -11.68
C VAL A 757 -12.48 -5.13 -13.06
N PHE A 758 -12.15 -6.42 -13.15
CA PHE A 758 -12.23 -7.12 -14.43
C PHE A 758 -13.68 -7.24 -14.89
N THR A 759 -14.60 -7.50 -13.96
CA THR A 759 -16.02 -7.58 -14.33
C THR A 759 -16.52 -6.25 -14.85
N ALA A 760 -16.12 -5.14 -14.20
CA ALA A 760 -16.51 -3.82 -14.69
C ALA A 760 -15.90 -3.53 -16.04
N LEU A 761 -14.64 -3.92 -16.25
CA LEU A 761 -13.99 -3.72 -17.55
C LEU A 761 -14.69 -4.52 -18.64
N GLU A 762 -15.03 -5.77 -18.35
CA GLU A 762 -15.69 -6.60 -19.36
C GLU A 762 -17.12 -6.15 -19.62
N ALA A 763 -17.80 -5.67 -18.58
CA ALA A 763 -19.16 -5.17 -18.77
C ALA A 763 -19.18 -3.96 -19.68
N GLN A 764 -18.20 -3.07 -19.55
CA GLN A 764 -18.12 -1.89 -20.41
C GLN A 764 -17.87 -2.29 -21.86
N PHE A 765 -16.97 -3.25 -22.08
CA PHE A 765 -16.69 -3.70 -23.45
C PHE A 765 -17.89 -4.40 -24.06
N ILE A 766 -18.60 -5.21 -23.27
CA ILE A 766 -19.80 -5.85 -23.78
C ILE A 766 -20.88 -4.82 -24.06
N LYS A 767 -20.97 -3.78 -23.22
CA LYS A 767 -21.99 -2.75 -23.42
C LYS A 767 -21.77 -1.98 -24.71
N ASP A 768 -20.53 -1.58 -25.00
CA ASP A 768 -20.28 -0.80 -26.21
C ASP A 768 -20.29 -1.67 -27.46
N ALA A 769 -19.88 -2.93 -27.36
CA ALA A 769 -20.02 -3.85 -28.47
C ALA A 769 -21.49 -4.09 -28.80
N LEU A 770 -22.32 -4.25 -27.78
CA LEU A 770 -23.76 -4.33 -28.02
C LEU A 770 -24.33 -3.00 -28.49
N LYS A 771 -23.73 -1.89 -28.06
CA LYS A 771 -24.17 -0.58 -28.55
C LYS A 771 -23.95 -0.45 -30.04
N ALA A 772 -22.82 -0.93 -30.55
CA ALA A 772 -22.53 -0.87 -31.97
C ALA A 772 -23.29 -1.94 -32.73
PA NAP B . 17.59 11.14 28.05
O1A NAP B . 17.91 12.59 27.85
O2A NAP B . 18.49 10.05 27.56
O5B NAP B . 17.31 10.97 29.65
C5B NAP B . 16.18 11.58 30.22
C4B NAP B . 16.53 13.00 30.66
O4B NAP B . 15.43 13.56 31.36
C3B NAP B . 17.76 13.06 31.59
O3B NAP B . 18.93 13.50 30.97
C2B NAP B . 17.31 14.02 32.72
O2B NAP B . 17.71 15.30 32.38
C1B NAP B . 15.78 13.93 32.67
N9A NAP B . 15.21 13.02 33.66
C8A NAP B . 15.69 11.83 34.15
N7A NAP B . 14.92 11.29 35.04
C5A NAP B . 13.86 12.15 35.16
C6A NAP B . 12.70 12.15 35.95
N6A NAP B . 12.41 11.17 36.81
N1A NAP B . 11.85 13.17 35.82
C2A NAP B . 12.14 14.14 34.96
N3A NAP B . 13.19 14.26 34.17
C4A NAP B . 14.03 13.24 34.31
O3 NAP B . 16.11 10.78 27.43
PN NAP B . 15.59 10.77 25.88
O1N NAP B . 15.96 9.50 25.19
O2N NAP B . 15.94 12.11 25.33
O5D NAP B . 13.96 10.68 26.12
C5D NAP B . 13.45 10.33 27.37
C4D NAP B . 12.73 8.97 27.40
O4D NAP B . 11.64 9.01 26.45
C3D NAP B . 13.56 7.75 27.04
O3D NAP B . 13.05 6.66 27.75
C2D NAP B . 13.28 7.60 25.55
O2D NAP B . 13.39 6.30 25.04
C1D NAP B . 11.81 8.05 25.49
N1N NAP B . 11.49 8.62 24.14
C2N NAP B . 10.66 8.00 23.30
C3N NAP B . 10.36 8.54 22.07
C7N NAP B . 9.42 7.86 21.11
O7N NAP B . 8.82 8.53 20.30
N7N NAP B . 9.32 6.54 21.25
C4N NAP B . 10.96 9.74 21.71
C5N NAP B . 11.82 10.36 22.59
C6N NAP B . 12.08 9.78 23.81
P2B NAP B . 19.23 15.84 33.04
O1X NAP B . 19.08 17.33 32.81
O2X NAP B . 19.17 15.39 34.49
O3X NAP B . 20.26 15.13 32.19
#